data_4LHX
#
_entry.id   4LHX
#
_cell.length_a   81.645
_cell.length_b   165.301
_cell.length_c   166.404
_cell.angle_alpha   90.00
_cell.angle_beta   90.00
_cell.angle_gamma   90.00
#
_symmetry.space_group_name_H-M   'C 2 2 21'
#
loop_
_entity.id
_entity.type
_entity.pdbx_description
1 polymer 'Ras-related protein Rab-8A'
2 polymer 'Rab-3A-interacting protein'
3 non-polymer 'SULFATE ION'
#
loop_
_entity_poly.entity_id
_entity_poly.type
_entity_poly.pdbx_seq_one_letter_code
_entity_poly.pdbx_strand_id
1 'polypeptide(L)'
;GHMAKTYDYLFKLLLIGDSGVGKTCVLFRFSEDAFNSTFISTIGIDFKIRTIELDGKRIKLQIWDTAGQERFRTITTAYY
RGAMGIMLVYDITNEKSFDNIRNWIRNIEEHASADVEKMILGNKCDVNDKRQVSKERGEKLALDYGIKFMETSAKANINV
ENAFFTLARDIKAKMDKKLEGNSPQG
;
A,B
2 'polypeptide(L)' GPGYERLKEELAKAQRELKLKDEECERLSKVRDQLGQELEELTASLFEEAHKMVREANIKQATAEKQLKEAQGKIDVL C,D,E,F
#
loop_
_chem_comp.id
_chem_comp.type
_chem_comp.name
_chem_comp.formula
SO4 non-polymer 'SULFATE ION' 'O4 S -2'
#
# COMPACT_ATOMS: atom_id res chain seq x y z
N LYS A 5 -47.48 -4.70 -12.50
CA LYS A 5 -46.78 -4.43 -13.80
C LYS A 5 -45.26 -4.30 -13.61
N THR A 6 -44.63 -3.59 -14.54
CA THR A 6 -43.17 -3.33 -14.55
C THR A 6 -42.61 -2.90 -13.17
N TYR A 7 -41.43 -3.38 -12.75
CA TYR A 7 -40.33 -4.08 -13.53
C TYR A 7 -40.50 -5.51 -14.08
N ASP A 8 -39.58 -5.95 -14.92
CA ASP A 8 -39.52 -7.37 -15.14
C ASP A 8 -38.24 -8.12 -14.88
N TYR A 9 -37.37 -7.54 -14.07
CA TYR A 9 -36.39 -8.38 -13.27
C TYR A 9 -36.00 -7.87 -11.83
N LEU A 10 -35.48 -8.67 -10.88
CA LEU A 10 -35.05 -8.08 -9.64
C LEU A 10 -33.67 -8.57 -9.20
N PHE A 11 -32.64 -7.77 -9.46
CA PHE A 11 -31.33 -8.05 -8.94
C PHE A 11 -31.08 -7.45 -7.55
N LYS A 12 -30.53 -8.30 -6.69
CA LYS A 12 -30.23 -7.94 -5.34
C LYS A 12 -28.73 -7.83 -5.30
N LEU A 13 -28.28 -6.65 -4.91
CA LEU A 13 -26.88 -6.31 -4.91
C LEU A 13 -26.47 -5.95 -3.49
N LEU A 14 -25.16 -6.00 -3.26
CA LEU A 14 -24.59 -5.71 -1.96
C LEU A 14 -23.32 -4.91 -2.09
N LEU A 15 -23.17 -3.92 -1.22
CA LEU A 15 -21.89 -3.19 -1.14
C LEU A 15 -21.16 -3.56 0.10
N ILE A 16 -19.92 -4.05 0.01
CA ILE A 16 -19.20 -4.40 1.22
C ILE A 16 -17.77 -3.86 1.24
N GLY A 17 -17.20 -3.65 2.42
CA GLY A 17 -15.86 -3.12 2.55
C GLY A 17 -15.56 -2.37 3.84
N ASP A 18 -14.34 -1.90 3.96
CA ASP A 18 -13.88 -1.17 5.11
C ASP A 18 -14.63 0.10 5.20
N SER A 19 -14.75 0.57 6.42
CA SER A 19 -15.62 1.67 6.73
C SER A 19 -14.96 2.87 6.16
N GLY A 20 -15.62 3.89 5.66
CA GLY A 20 -14.80 5.01 5.27
C GLY A 20 -14.02 4.87 3.98
N VAL A 21 -14.08 3.73 3.34
CA VAL A 21 -13.80 3.70 1.94
C VAL A 21 -14.82 4.49 1.11
N GLY A 22 -15.95 4.88 1.68
CA GLY A 22 -17.00 5.59 0.89
C GLY A 22 -17.94 4.69 0.06
N LYS A 23 -18.10 3.44 0.51
CA LYS A 23 -19.20 2.58 0.13
C LYS A 23 -20.50 3.34 0.06
N THR A 24 -20.83 4.05 1.12
CA THR A 24 -22.13 4.70 1.18
C THR A 24 -22.35 5.85 0.22
N CYS A 25 -21.35 6.65 -0.11
CA CYS A 25 -21.58 7.70 -1.13
C CYS A 25 -21.72 7.06 -2.44
N VAL A 26 -20.99 6.00 -2.66
CA VAL A 26 -20.96 5.36 -3.95
C VAL A 26 -22.33 4.91 -4.36
N LEU A 27 -23.11 4.64 -3.33
CA LEU A 27 -24.47 4.22 -3.46
C LEU A 27 -25.22 5.46 -3.73
N PHE A 28 -25.16 6.37 -2.78
CA PHE A 28 -26.05 7.52 -2.79
C PHE A 28 -25.99 8.25 -4.13
N ARG A 29 -24.89 8.07 -4.84
CA ARG A 29 -24.71 8.71 -6.14
C ARG A 29 -25.43 7.93 -7.24
N PHE A 30 -25.46 6.61 -7.09
CA PHE A 30 -26.13 5.75 -8.06
C PHE A 30 -27.65 5.84 -7.94
N SER A 31 -28.13 5.77 -6.70
CA SER A 31 -29.54 5.86 -6.44
C SER A 31 -30.07 7.27 -6.63
N GLU A 32 -29.20 8.25 -6.75
CA GLU A 32 -29.62 9.60 -7.13
C GLU A 32 -30.29 10.44 -6.05
N ASP A 33 -29.95 10.22 -4.79
CA ASP A 33 -30.58 10.91 -3.65
C ASP A 33 -30.08 12.33 -3.69
N ALA A 34 -30.91 13.26 -3.24
CA ALA A 34 -30.55 14.70 -3.17
C ALA A 34 -29.83 15.03 -1.86
N PHE A 35 -29.71 14.01 -1.02
CA PHE A 35 -29.38 14.18 0.38
C PHE A 35 -28.41 13.12 0.90
N ASN A 36 -27.96 13.41 2.11
CA ASN A 36 -26.83 12.83 2.76
C ASN A 36 -27.25 11.86 3.83
N SER A 37 -28.51 11.94 4.25
CA SER A 37 -28.96 11.26 5.46
C SER A 37 -28.85 9.78 5.30
N THR A 38 -28.25 9.08 6.25
CA THR A 38 -28.19 7.67 6.10
C THR A 38 -28.10 7.09 7.45
N PHE A 39 -28.24 5.79 7.49
CA PHE A 39 -28.26 5.11 8.74
C PHE A 39 -27.01 4.29 8.79
N ILE A 40 -26.17 4.45 7.79
CA ILE A 40 -24.99 3.62 7.84
C ILE A 40 -24.20 3.92 9.10
N SER A 41 -24.12 5.18 9.48
CA SER A 41 -23.16 5.56 10.50
C SER A 41 -23.43 4.85 11.80
N THR A 42 -24.67 5.01 12.15
CA THR A 42 -25.38 4.67 13.40
C THR A 42 -25.83 3.24 13.40
N ILE A 43 -26.50 2.78 12.36
CA ILE A 43 -26.96 1.40 12.37
C ILE A 43 -25.98 0.41 11.73
N GLY A 44 -25.37 0.86 10.65
CA GLY A 44 -24.63 -0.04 9.82
C GLY A 44 -25.42 -0.75 8.74
N ILE A 45 -26.61 -0.29 8.39
CA ILE A 45 -27.19 -0.82 7.20
C ILE A 45 -27.84 0.34 6.48
N ASP A 46 -27.83 0.29 5.17
CA ASP A 46 -28.70 1.14 4.41
C ASP A 46 -28.92 0.49 3.05
N PHE A 47 -29.88 1.04 2.33
CA PHE A 47 -30.56 0.31 1.31
C PHE A 47 -31.07 1.30 0.30
N LYS A 48 -31.06 0.94 -0.97
CA LYS A 48 -31.54 1.87 -1.95
C LYS A 48 -32.05 1.09 -3.15
N ILE A 49 -33.07 1.63 -3.83
CA ILE A 49 -33.65 1.01 -5.03
C ILE A 49 -33.39 1.85 -6.26
N ARG A 50 -33.04 1.23 -7.38
CA ARG A 50 -33.08 1.99 -8.62
C ARG A 50 -33.40 0.98 -9.75
N THR A 51 -34.34 1.34 -10.64
CA THR A 51 -34.63 0.50 -11.80
C THR A 51 -33.94 1.11 -12.98
N ILE A 52 -33.37 0.29 -13.83
CA ILE A 52 -32.71 0.83 -14.95
C ILE A 52 -33.14 0.09 -16.16
N GLU A 53 -32.84 0.57 -17.33
CA GLU A 53 -33.15 -0.25 -18.47
C GLU A 53 -31.88 -0.67 -19.13
N LEU A 54 -31.83 -1.93 -19.49
CA LEU A 54 -30.75 -2.63 -20.15
C LEU A 54 -31.27 -3.48 -21.32
N ASP A 55 -30.93 -3.08 -22.55
CA ASP A 55 -31.42 -3.76 -23.76
C ASP A 55 -32.93 -3.83 -23.75
N GLY A 56 -33.54 -2.75 -23.30
CA GLY A 56 -34.99 -2.62 -23.30
C GLY A 56 -35.66 -3.04 -22.01
N LYS A 57 -35.26 -4.07 -21.28
CA LYS A 57 -36.04 -4.49 -20.07
C LYS A 57 -35.92 -3.70 -18.73
N ARG A 58 -36.95 -3.68 -17.85
CA ARG A 58 -36.87 -3.02 -16.57
C ARG A 58 -36.12 -3.95 -15.60
N ILE A 59 -35.18 -3.39 -14.84
CA ILE A 59 -34.38 -4.17 -13.90
C ILE A 59 -34.27 -3.44 -12.57
N LYS A 60 -34.84 -4.06 -11.55
CA LYS A 60 -35.00 -3.40 -10.26
C LYS A 60 -33.77 -3.88 -9.51
N LEU A 61 -33.03 -2.92 -8.99
CA LEU A 61 -31.80 -3.22 -8.32
C LEU A 61 -32.11 -2.88 -6.90
N GLN A 62 -31.94 -3.87 -6.03
CA GLN A 62 -31.99 -3.59 -4.60
C GLN A 62 -30.59 -3.62 -4.05
N ILE A 63 -30.16 -2.51 -3.48
CA ILE A 63 -28.78 -2.40 -3.13
C ILE A 63 -28.70 -2.26 -1.65
N TRP A 64 -28.03 -3.25 -1.05
CA TRP A 64 -27.76 -3.25 0.36
C TRP A 64 -26.33 -2.78 0.52
N ASP A 65 -26.14 -1.97 1.55
CA ASP A 65 -24.83 -1.53 1.97
C ASP A 65 -24.57 -1.90 3.43
N THR A 66 -23.59 -2.76 3.65
CA THR A 66 -23.29 -3.44 4.87
C THR A 66 -22.01 -2.89 5.39
N ALA A 67 -21.88 -2.84 6.70
CA ALA A 67 -20.76 -2.17 7.34
C ALA A 67 -20.15 -3.01 8.42
N GLY A 68 -20.31 -4.31 8.28
CA GLY A 68 -19.87 -5.29 9.25
C GLY A 68 -20.33 -5.39 10.69
N GLN A 69 -21.07 -4.45 11.27
CA GLN A 69 -21.06 -4.52 12.74
C GLN A 69 -21.56 -5.91 12.96
N GLU A 70 -20.88 -6.58 13.89
CA GLU A 70 -21.28 -7.85 14.57
C GLU A 70 -22.65 -7.87 15.27
N ARG A 71 -23.13 -6.54 15.60
CA ARG A 71 -24.47 -6.33 16.17
C ARG A 71 -25.63 -7.07 15.48
N PHE A 72 -25.61 -7.01 14.14
CA PHE A 72 -26.60 -7.64 13.27
C PHE A 72 -26.05 -8.78 12.45
N ARG A 73 -25.11 -9.53 13.03
CA ARG A 73 -24.36 -10.52 12.26
C ARG A 73 -25.18 -11.43 11.37
N THR A 74 -26.25 -11.93 11.95
CA THR A 74 -27.17 -12.84 11.29
C THR A 74 -27.89 -12.31 10.05
N ILE A 75 -28.47 -11.15 10.20
CA ILE A 75 -29.22 -10.41 9.17
C ILE A 75 -28.29 -10.16 8.00
N THR A 76 -27.14 -9.55 8.27
CA THR A 76 -26.22 -9.27 7.18
C THR A 76 -25.72 -10.56 6.49
N THR A 77 -25.67 -11.73 7.15
CA THR A 77 -25.40 -12.93 6.38
C THR A 77 -26.50 -13.08 5.39
N ALA A 78 -27.73 -12.85 5.82
CA ALA A 78 -28.89 -13.10 4.96
C ALA A 78 -28.78 -12.34 3.65
N TYR A 79 -28.22 -11.14 3.74
CA TYR A 79 -27.90 -10.33 2.59
C TYR A 79 -26.77 -10.95 1.75
N TYR A 80 -25.66 -11.33 2.38
CA TYR A 80 -24.63 -12.03 1.64
C TYR A 80 -25.21 -13.21 0.86
N ARG A 81 -25.91 -14.08 1.59
CA ARG A 81 -26.34 -15.39 1.10
C ARG A 81 -27.32 -15.11 -0.05
N GLY A 82 -28.13 -14.07 0.09
CA GLY A 82 -29.09 -13.79 -0.94
C GLY A 82 -28.71 -12.82 -2.03
N ALA A 83 -27.44 -12.47 -2.16
CA ALA A 83 -27.02 -11.38 -3.00
C ALA A 83 -26.64 -11.90 -4.37
N MET A 84 -26.98 -11.16 -5.42
CA MET A 84 -26.68 -11.57 -6.80
C MET A 84 -25.40 -11.00 -7.35
N GLY A 85 -25.05 -9.82 -6.87
CA GLY A 85 -23.81 -9.15 -7.24
C GLY A 85 -23.34 -8.35 -6.04
N ILE A 86 -22.08 -8.51 -5.70
CA ILE A 86 -21.54 -7.79 -4.58
C ILE A 86 -20.32 -6.98 -5.03
N MET A 87 -20.26 -5.70 -4.61
CA MET A 87 -19.14 -4.81 -4.93
C MET A 87 -18.17 -4.66 -3.76
N LEU A 88 -16.93 -5.07 -3.97
CA LEU A 88 -15.86 -4.91 -2.97
C LEU A 88 -15.19 -3.57 -3.23
N VAL A 89 -15.06 -2.79 -2.18
CA VAL A 89 -14.81 -1.38 -2.32
C VAL A 89 -13.70 -0.92 -1.42
N TYR A 90 -12.60 -0.46 -2.02
CA TYR A 90 -11.52 0.12 -1.22
C TYR A 90 -11.32 1.57 -1.54
N ASP A 91 -10.51 2.20 -0.73
CA ASP A 91 -10.08 3.56 -0.97
C ASP A 91 -8.64 3.63 -1.50
N ILE A 92 -8.50 4.23 -2.61
CA ILE A 92 -7.13 4.32 -3.12
C ILE A 92 -6.24 5.26 -2.35
N THR A 93 -6.86 6.08 -1.51
CA THR A 93 -6.22 6.88 -0.47
C THR A 93 -5.67 6.09 0.76
N ASN A 94 -5.92 4.79 0.82
CA ASN A 94 -5.69 4.06 2.03
C ASN A 94 -5.23 2.65 1.74
N GLU A 95 -4.10 2.21 2.15
CA GLU A 95 -3.78 0.85 1.76
C GLU A 95 -4.62 -0.25 2.38
N LYS A 96 -4.58 -0.38 3.68
CA LYS A 96 -5.15 -1.56 4.36
C LYS A 96 -6.50 -1.94 3.79
N SER A 97 -7.35 -0.93 3.51
CA SER A 97 -8.57 -1.10 2.71
C SER A 97 -8.30 -1.99 1.52
N PHE A 98 -7.27 -1.65 0.76
CA PHE A 98 -6.88 -2.48 -0.36
C PHE A 98 -6.33 -3.84 0.07
N ASP A 99 -5.66 -3.90 1.20
CA ASP A 99 -5.05 -5.13 1.59
C ASP A 99 -6.16 -6.10 1.97
N ASN A 100 -7.06 -5.57 2.79
CA ASN A 100 -8.29 -6.25 3.22
C ASN A 100 -9.17 -6.75 2.10
N ILE A 101 -9.22 -6.06 0.96
CA ILE A 101 -10.03 -6.54 -0.14
C ILE A 101 -9.92 -8.03 -0.30
N ARG A 102 -8.77 -8.61 0.07
CA ARG A 102 -8.61 -10.07 0.06
C ARG A 102 -9.48 -10.66 1.14
N ASN A 103 -9.23 -10.25 2.38
CA ASN A 103 -10.11 -10.60 3.50
C ASN A 103 -11.58 -10.64 3.19
N TRP A 104 -12.17 -9.52 2.70
CA TRP A 104 -13.55 -9.54 2.27
C TRP A 104 -13.78 -10.68 1.30
N ILE A 105 -12.96 -10.79 0.28
CA ILE A 105 -13.08 -11.87 -0.70
C ILE A 105 -13.25 -13.23 -0.02
N ARG A 106 -12.60 -13.41 1.13
CA ARG A 106 -12.92 -14.51 2.02
C ARG A 106 -14.37 -14.51 2.30
N ASN A 107 -14.83 -13.53 3.04
CA ASN A 107 -16.21 -13.53 3.45
C ASN A 107 -17.07 -13.89 2.29
N ILE A 108 -16.85 -13.22 1.19
CA ILE A 108 -17.74 -13.36 0.06
C ILE A 108 -17.77 -14.84 -0.32
N GLU A 109 -16.59 -15.43 -0.35
CA GLU A 109 -16.45 -16.83 -0.69
C GLU A 109 -17.03 -17.72 0.40
N GLU A 110 -16.85 -17.30 1.66
CA GLU A 110 -17.26 -18.11 2.77
C GLU A 110 -18.76 -17.89 3.09
N HIS A 111 -19.20 -16.66 3.35
CA HIS A 111 -20.63 -16.34 3.60
C HIS A 111 -21.62 -16.30 2.43
N ALA A 112 -21.15 -16.05 1.23
CA ALA A 112 -22.02 -15.78 0.12
C ALA A 112 -22.17 -16.95 -0.82
N SER A 113 -22.81 -16.83 -1.99
CA SER A 113 -23.09 -18.02 -2.88
C SER A 113 -22.02 -18.50 -3.93
N ALA A 114 -22.16 -19.65 -4.62
CA ALA A 114 -20.96 -20.20 -5.25
C ALA A 114 -20.73 -19.59 -6.63
N ASP A 115 -21.76 -18.98 -7.18
CA ASP A 115 -21.64 -18.35 -8.52
C ASP A 115 -21.75 -16.81 -8.50
N VAL A 116 -21.80 -16.22 -7.30
CA VAL A 116 -22.09 -14.78 -7.21
C VAL A 116 -21.18 -13.98 -8.17
N GLU A 117 -21.72 -12.92 -8.72
CA GLU A 117 -20.93 -11.98 -9.47
C GLU A 117 -20.29 -10.99 -8.55
N LYS A 118 -19.04 -10.71 -8.84
CA LYS A 118 -18.12 -9.97 -7.99
C LYS A 118 -17.42 -8.82 -8.73
N MET A 119 -17.19 -7.68 -8.05
CA MET A 119 -16.52 -6.50 -8.68
C MET A 119 -15.72 -5.64 -7.67
N ILE A 120 -14.41 -5.49 -7.91
CA ILE A 120 -13.56 -4.68 -7.04
C ILE A 120 -13.65 -3.26 -7.50
N LEU A 121 -14.05 -2.40 -6.57
CA LEU A 121 -14.31 -1.02 -6.87
C LEU A 121 -13.27 -0.18 -6.12
N GLY A 122 -12.33 0.40 -6.87
CA GLY A 122 -11.29 1.26 -6.32
C GLY A 122 -11.83 2.67 -6.18
N ASN A 123 -12.27 3.05 -4.99
CA ASN A 123 -12.92 4.33 -4.83
C ASN A 123 -12.09 5.54 -4.50
N LYS A 124 -12.69 6.70 -4.70
CA LYS A 124 -11.97 7.98 -4.59
C LYS A 124 -10.86 8.21 -5.65
N CYS A 125 -10.94 7.55 -6.80
CA CYS A 125 -9.85 7.71 -7.76
C CYS A 125 -9.56 9.17 -8.16
N ASP A 126 -10.54 10.07 -8.01
CA ASP A 126 -10.27 11.48 -8.32
C ASP A 126 -9.20 12.07 -7.44
N VAL A 127 -9.07 11.72 -6.19
CA VAL A 127 -8.08 12.42 -5.42
C VAL A 127 -6.73 11.80 -5.58
N ASN A 128 -6.13 12.02 -6.73
CA ASN A 128 -4.87 11.42 -7.03
C ASN A 128 -3.77 11.91 -6.12
N ASP A 129 -3.83 13.15 -5.72
CA ASP A 129 -2.74 13.61 -4.91
C ASP A 129 -2.64 12.93 -3.56
N LYS A 130 -3.64 12.16 -3.14
CA LYS A 130 -3.45 11.46 -1.87
C LYS A 130 -3.41 9.96 -2.15
N ARG A 131 -3.05 9.62 -3.37
CA ARG A 131 -3.10 8.25 -3.87
C ARG A 131 -2.01 7.29 -3.52
N GLN A 132 -2.29 6.40 -2.60
CA GLN A 132 -1.37 5.35 -2.20
C GLN A 132 -1.48 4.05 -3.04
N VAL A 133 -2.62 3.75 -3.63
CA VAL A 133 -2.73 2.49 -4.39
C VAL A 133 -2.65 2.69 -5.89
N SER A 134 -1.63 2.13 -6.52
CA SER A 134 -1.57 2.27 -7.94
C SER A 134 -2.72 1.53 -8.53
N LYS A 135 -3.21 2.02 -9.65
CA LYS A 135 -4.27 1.35 -10.38
C LYS A 135 -3.74 0.07 -10.94
N GLU A 136 -2.57 0.13 -11.51
CA GLU A 136 -1.97 -1.03 -12.12
C GLU A 136 -2.01 -2.19 -11.15
N ARG A 137 -1.63 -1.89 -9.93
CA ARG A 137 -1.63 -2.85 -8.86
C ARG A 137 -3.02 -3.23 -8.47
N GLY A 138 -3.94 -2.32 -8.71
CA GLY A 138 -5.36 -2.59 -8.54
C GLY A 138 -5.86 -3.63 -9.51
N GLU A 139 -5.59 -3.43 -10.79
CA GLU A 139 -6.08 -4.37 -11.80
C GLU A 139 -5.53 -5.78 -11.53
N LYS A 140 -4.26 -5.89 -11.13
CA LYS A 140 -3.63 -7.20 -10.86
C LYS A 140 -4.32 -8.01 -9.76
N LEU A 141 -4.71 -7.34 -8.70
CA LEU A 141 -5.54 -7.98 -7.70
C LEU A 141 -6.71 -8.59 -8.41
N ALA A 142 -7.48 -7.77 -9.11
CA ALA A 142 -8.68 -8.24 -9.80
C ALA A 142 -8.37 -9.44 -10.68
N LEU A 143 -7.43 -9.28 -11.60
CA LEU A 143 -7.12 -10.34 -12.54
C LEU A 143 -6.70 -11.61 -11.83
N ASP A 144 -5.86 -11.49 -10.81
CA ASP A 144 -5.54 -12.65 -10.03
C ASP A 144 -6.83 -13.39 -9.73
N TYR A 145 -7.73 -12.77 -8.98
CA TYR A 145 -9.00 -13.41 -8.60
C TYR A 145 -10.05 -13.56 -9.72
N GLY A 146 -9.68 -13.24 -10.96
CA GLY A 146 -10.59 -13.38 -12.09
C GLY A 146 -11.87 -12.57 -11.96
N ILE A 147 -11.77 -11.40 -11.36
CA ILE A 147 -12.94 -10.52 -11.18
C ILE A 147 -12.69 -9.13 -11.80
N LYS A 148 -13.78 -8.43 -12.12
CA LYS A 148 -13.71 -7.13 -12.78
C LYS A 148 -13.30 -6.10 -11.79
N PHE A 149 -12.62 -5.06 -12.25
CA PHE A 149 -12.15 -4.01 -11.33
C PHE A 149 -12.49 -2.67 -11.91
N MET A 150 -12.72 -1.70 -11.05
CA MET A 150 -13.08 -0.43 -11.56
C MET A 150 -12.82 0.73 -10.59
N GLU A 151 -12.26 1.80 -11.09
CA GLU A 151 -11.87 2.95 -10.30
C GLU A 151 -12.96 3.95 -10.37
N THR A 152 -13.20 4.61 -9.27
CA THR A 152 -14.47 5.25 -9.01
C THR A 152 -14.32 6.48 -8.18
N SER A 153 -15.23 7.42 -8.30
CA SER A 153 -15.21 8.60 -7.44
C SER A 153 -16.61 8.97 -6.96
N ALA A 154 -17.02 8.78 -5.73
CA ALA A 154 -18.44 9.03 -5.48
C ALA A 154 -18.72 10.50 -5.65
N LYS A 155 -17.67 11.29 -5.49
CA LYS A 155 -17.74 12.74 -5.48
C LYS A 155 -17.53 13.50 -6.78
N ALA A 156 -16.61 13.03 -7.60
CA ALA A 156 -16.47 13.52 -8.94
C ALA A 156 -17.48 12.85 -9.80
N ASN A 157 -18.18 11.90 -9.23
CA ASN A 157 -19.14 11.19 -10.01
C ASN A 157 -18.66 10.39 -11.18
N ILE A 158 -17.54 9.74 -10.98
CA ILE A 158 -16.82 8.92 -11.97
C ILE A 158 -17.01 7.39 -11.96
N ASN A 159 -17.64 6.86 -13.00
CA ASN A 159 -17.73 5.41 -13.15
C ASN A 159 -18.68 4.66 -12.18
N VAL A 160 -19.39 5.40 -11.34
CA VAL A 160 -20.34 4.80 -10.40
C VAL A 160 -21.53 4.20 -11.15
N GLU A 161 -22.13 5.01 -12.01
CA GLU A 161 -23.25 4.56 -12.81
C GLU A 161 -22.83 3.43 -13.75
N ASN A 162 -21.59 3.53 -14.26
CA ASN A 162 -21.05 2.52 -15.14
C ASN A 162 -20.72 1.24 -14.37
N ALA A 163 -20.17 1.39 -13.17
CA ALA A 163 -19.83 0.26 -12.33
C ALA A 163 -21.05 -0.61 -12.09
N PHE A 164 -22.17 0.03 -11.76
CA PHE A 164 -23.41 -0.68 -11.55
C PHE A 164 -23.96 -1.28 -12.83
N PHE A 165 -24.14 -0.45 -13.86
CA PHE A 165 -24.67 -0.98 -15.10
C PHE A 165 -23.83 -2.14 -15.61
N THR A 166 -22.54 -2.12 -15.31
CA THR A 166 -21.64 -3.17 -15.77
C THR A 166 -21.93 -4.43 -14.97
N LEU A 167 -22.01 -4.30 -13.65
CA LEU A 167 -22.35 -5.43 -12.82
C LEU A 167 -23.74 -5.96 -13.15
N ALA A 168 -24.68 -5.06 -13.44
CA ALA A 168 -26.04 -5.49 -13.79
C ALA A 168 -26.03 -6.23 -15.10
N ARG A 169 -25.22 -5.81 -16.05
CA ARG A 169 -25.15 -6.55 -17.29
C ARG A 169 -24.59 -7.92 -17.01
N ASP A 170 -23.59 -7.99 -16.14
CA ASP A 170 -22.96 -9.27 -15.84
C ASP A 170 -23.92 -10.25 -15.17
N ILE A 171 -24.81 -9.73 -14.33
CA ILE A 171 -25.81 -10.57 -13.67
C ILE A 171 -26.77 -11.08 -14.70
N LYS A 172 -27.31 -10.19 -15.52
CA LYS A 172 -28.31 -10.57 -16.49
C LYS A 172 -27.74 -11.53 -17.50
N ALA A 173 -26.58 -11.24 -18.06
CA ALA A 173 -26.04 -12.14 -19.09
C ALA A 173 -25.94 -13.56 -18.58
N LYS A 174 -25.57 -13.71 -17.32
CA LYS A 174 -25.52 -15.00 -16.66
C LYS A 174 -26.90 -15.66 -16.60
N MET A 175 -27.92 -14.91 -16.22
CA MET A 175 -29.28 -15.45 -16.07
C MET A 175 -29.91 -15.74 -17.42
N ASP A 176 -29.66 -14.90 -18.41
CA ASP A 176 -30.22 -15.18 -19.70
C ASP A 176 -29.64 -16.47 -20.28
N LYS A 177 -28.47 -16.87 -19.77
CA LYS A 177 -27.82 -18.11 -20.20
C LYS A 177 -28.63 -19.32 -19.78
N LYS A 178 -29.15 -19.30 -18.55
CA LYS A 178 -30.20 -20.24 -18.12
C LYS A 178 -31.58 -19.76 -18.65
N LEU A 179 -31.62 -19.58 -19.98
CA LEU A 179 -32.76 -19.02 -20.75
C LEU A 179 -34.14 -19.03 -20.06
N LYS B 5 47.76 3.05 13.10
CA LYS B 5 47.13 2.20 14.17
C LYS B 5 45.64 1.96 13.88
N THR B 6 44.89 1.66 14.94
CA THR B 6 43.43 1.41 14.90
C THR B 6 42.65 2.42 14.03
N TYR B 7 41.66 2.00 13.23
CA TYR B 7 40.92 0.67 13.22
C TYR B 7 41.59 -0.68 12.91
N ASP B 8 40.85 -1.77 13.13
CA ASP B 8 41.23 -3.09 12.61
C ASP B 8 40.17 -3.80 11.72
N TYR B 9 39.11 -3.10 11.34
CA TYR B 9 38.22 -3.51 10.21
C TYR B 9 37.67 -2.26 9.46
N LEU B 10 37.37 -2.38 8.15
CA LEU B 10 36.75 -1.27 7.38
C LEU B 10 35.68 -1.63 6.34
N PHE B 11 34.44 -1.86 6.78
CA PHE B 11 33.36 -2.20 5.85
C PHE B 11 32.78 -0.98 5.17
N LYS B 12 32.49 -1.13 3.87
CA LYS B 12 31.83 -0.09 3.07
C LYS B 12 30.31 -0.35 2.96
N LEU B 13 29.52 0.67 3.27
CA LEU B 13 28.07 0.50 3.31
C LEU B 13 27.38 1.45 2.36
N LEU B 14 26.21 1.07 1.87
CA LEU B 14 25.46 1.92 0.94
C LEU B 14 23.99 2.05 1.31
N LEU B 15 23.51 3.30 1.39
CA LEU B 15 22.08 3.62 1.44
C LEU B 15 21.57 3.96 0.04
N ILE B 16 20.41 3.41 -0.30
CA ILE B 16 19.89 3.38 -1.63
C ILE B 16 18.36 3.32 -1.40
N GLY B 17 17.62 4.14 -2.13
CA GLY B 17 16.21 4.39 -1.80
C GLY B 17 15.55 5.55 -2.56
N ASP B 18 14.24 5.49 -2.66
CA ASP B 18 13.46 6.60 -3.15
C ASP B 18 13.74 7.78 -2.31
N SER B 19 13.60 8.93 -2.94
CA SER B 19 14.04 10.16 -2.35
C SER B 19 13.07 10.46 -1.26
N GLY B 20 13.51 11.09 -0.20
CA GLY B 20 12.55 11.50 0.82
C GLY B 20 12.18 10.37 1.76
N VAL B 21 12.48 9.15 1.36
CA VAL B 21 12.36 8.04 2.27
C VAL B 21 12.97 8.37 3.63
N GLY B 22 14.00 9.20 3.64
CA GLY B 22 14.71 9.51 4.88
C GLY B 22 15.93 8.62 5.05
N LYS B 23 16.55 8.23 3.94
CA LYS B 23 17.85 7.60 3.99
C LYS B 23 18.75 8.51 4.84
N THR B 24 18.89 9.75 4.40
CA THR B 24 19.90 10.61 4.95
C THR B 24 19.72 10.78 6.46
N CYS B 25 18.52 10.96 6.96
CA CYS B 25 18.39 11.12 8.42
C CYS B 25 18.70 9.89 9.25
N VAL B 26 18.53 8.72 8.69
CA VAL B 26 18.90 7.50 9.32
C VAL B 26 20.37 7.68 9.43
N LEU B 27 20.98 8.06 8.33
CA LEU B 27 22.42 8.14 8.28
C LEU B 27 22.99 9.20 9.19
N PHE B 28 22.31 10.34 9.30
CA PHE B 28 22.77 11.43 10.16
C PHE B 28 22.60 11.08 11.63
N ARG B 29 21.68 10.17 11.90
CA ARG B 29 21.42 9.74 13.27
C ARG B 29 22.45 8.71 13.73
N PHE B 30 22.89 7.87 12.80
CA PHE B 30 23.88 6.84 13.10
C PHE B 30 25.26 7.44 13.29
N SER B 31 25.64 8.33 12.36
CA SER B 31 26.92 8.98 12.43
C SER B 31 26.98 10.02 13.53
N GLU B 32 25.85 10.38 14.11
CA GLU B 32 25.83 11.23 15.31
C GLU B 32 26.10 12.72 15.11
N ASP B 33 25.75 13.25 13.95
CA ASP B 33 26.01 14.65 13.60
C ASP B 33 25.09 15.49 14.45
N ALA B 34 25.53 16.68 14.80
CA ALA B 34 24.72 17.65 15.59
C ALA B 34 23.82 18.49 14.69
N PHE B 35 23.97 18.27 13.39
CA PHE B 35 23.49 19.18 12.38
C PHE B 35 22.88 18.46 11.17
N ASN B 36 22.25 19.30 10.36
CA ASN B 36 21.31 18.97 9.33
C ASN B 36 21.95 19.08 7.97
N SER B 37 23.09 19.75 7.88
CA SER B 37 23.58 20.22 6.62
C SER B 37 24.00 19.03 5.79
N THR B 38 23.56 18.96 4.54
CA THR B 38 23.62 17.72 3.78
C THR B 38 23.75 18.02 2.29
N PHE B 39 24.17 17.04 1.50
CA PHE B 39 24.39 17.25 0.07
C PHE B 39 23.58 16.29 -0.70
N ILE B 40 22.59 15.69 -0.06
CA ILE B 40 21.73 14.72 -0.72
C ILE B 40 20.70 15.39 -1.61
N SER B 41 20.30 16.61 -1.27
CA SER B 41 19.30 17.35 -2.04
C SER B 41 19.90 18.01 -3.27
N THR B 42 21.01 18.73 -3.07
CA THR B 42 21.68 19.50 -4.12
C THR B 42 22.58 18.62 -4.97
N ILE B 43 23.44 17.83 -4.35
CA ILE B 43 24.33 17.00 -5.14
C ILE B 43 23.78 15.60 -5.42
N GLY B 44 22.92 15.08 -4.54
CA GLY B 44 22.43 13.73 -4.69
C GLY B 44 23.34 12.60 -4.24
N ILE B 45 24.50 12.93 -3.69
CA ILE B 45 25.33 11.95 -3.00
C ILE B 45 25.73 12.55 -1.67
N ASP B 46 25.89 11.71 -0.66
CA ASP B 46 26.41 12.15 0.60
C ASP B 46 27.08 11.02 1.28
N PHE B 47 27.86 11.37 2.31
CA PHE B 47 28.87 10.46 2.86
C PHE B 47 29.13 10.72 4.31
N LYS B 48 29.23 9.65 5.07
CA LYS B 48 29.52 9.82 6.49
C LYS B 48 30.34 8.62 6.98
N ILE B 49 31.27 8.82 7.93
CA ILE B 49 32.03 7.66 8.50
C ILE B 49 31.67 7.42 9.93
N ARG B 50 31.61 6.17 10.36
CA ARG B 50 31.58 5.98 11.81
C ARG B 50 32.29 4.70 12.16
N THR B 51 32.92 4.72 13.34
CA THR B 51 33.62 3.57 13.85
C THR B 51 32.91 3.01 15.08
N ILE B 52 32.92 1.69 15.19
CA ILE B 52 32.29 1.11 16.34
C ILE B 52 32.94 -0.17 16.77
N GLU B 53 32.67 -0.61 18.00
CA GLU B 53 33.23 -1.86 18.52
C GLU B 53 32.24 -3.06 18.51
N LEU B 54 32.70 -4.15 17.91
CA LEU B 54 31.97 -5.41 17.82
C LEU B 54 32.83 -6.59 18.26
N ASP B 55 32.49 -7.20 19.40
CA ASP B 55 33.27 -8.29 19.99
C ASP B 55 34.71 -7.89 20.14
N GLY B 56 34.90 -6.65 20.57
CA GLY B 56 36.22 -6.13 20.87
C GLY B 56 36.88 -5.39 19.72
N LYS B 57 36.67 -5.87 18.50
CA LYS B 57 37.29 -5.27 17.34
C LYS B 57 36.69 -3.90 16.96
N ARG B 58 37.58 -2.91 16.74
CA ARG B 58 37.23 -1.61 16.18
C ARG B 58 37.10 -1.73 14.65
N ILE B 59 35.99 -1.18 14.17
CA ILE B 59 35.50 -1.40 12.80
C ILE B 59 34.98 -0.08 12.24
N LYS B 60 35.67 0.45 11.22
CA LYS B 60 35.30 1.72 10.54
C LYS B 60 34.32 1.43 9.43
N LEU B 61 33.22 2.16 9.49
CA LEU B 61 32.18 2.10 8.48
C LEU B 61 32.29 3.35 7.60
N GLN B 62 32.40 3.14 6.31
CA GLN B 62 32.24 4.22 5.38
C GLN B 62 30.91 4.06 4.68
N ILE B 63 30.07 5.06 4.81
CA ILE B 63 28.68 4.97 4.40
C ILE B 63 28.39 5.98 3.31
N TRP B 64 27.88 5.52 2.18
CA TRP B 64 27.56 6.38 1.03
C TRP B 64 26.05 6.49 0.89
N ASP B 65 25.54 7.69 0.68
CA ASP B 65 24.10 7.88 0.58
C ASP B 65 23.83 8.37 -0.81
N THR B 66 23.24 7.47 -1.58
CA THR B 66 23.08 7.68 -2.99
C THR B 66 21.64 8.01 -3.22
N ALA B 67 21.42 8.87 -4.23
CA ALA B 67 20.10 9.40 -4.46
C ALA B 67 19.70 9.32 -5.91
N GLY B 68 20.27 8.36 -6.60
CA GLY B 68 20.09 8.14 -8.01
C GLY B 68 20.44 9.13 -9.12
N GLN B 69 20.78 10.39 -8.86
CA GLN B 69 20.66 11.28 -10.04
C GLN B 69 21.57 10.58 -11.01
N GLU B 70 21.06 10.48 -12.24
CA GLU B 70 21.80 10.13 -13.49
C GLU B 70 23.04 10.98 -13.84
N ARG B 71 23.04 12.27 -13.19
CA ARG B 71 24.18 13.19 -13.31
C ARG B 71 25.57 12.59 -13.07
N PHE B 72 25.65 11.78 -12.01
CA PHE B 72 26.85 11.07 -11.60
C PHE B 72 26.77 9.57 -11.76
N ARG B 73 26.08 9.12 -12.80
CA ARG B 73 25.77 7.70 -12.94
C ARG B 73 26.91 6.74 -12.71
N THR B 74 28.04 7.08 -13.31
CA THR B 74 29.25 6.29 -13.24
C THR B 74 29.86 6.10 -11.86
N ILE B 75 30.02 7.19 -11.16
CA ILE B 75 30.57 7.29 -9.79
C ILE B 75 29.71 6.44 -8.88
N THR B 76 28.41 6.69 -8.87
CA THR B 76 27.54 5.92 -8.00
C THR B 76 27.55 4.41 -8.36
N THR B 77 27.47 4.11 -9.70
CA THR B 77 27.65 2.67 -10.00
C THR B 77 28.84 2.13 -9.22
N ALA B 78 29.93 2.89 -9.26
CA ALA B 78 31.14 2.43 -8.61
C ALA B 78 30.95 2.28 -7.12
N TYR B 79 30.08 3.09 -6.49
CA TYR B 79 29.76 2.91 -5.06
C TYR B 79 28.99 1.60 -4.90
N TYR B 80 28.17 1.27 -5.89
CA TYR B 80 27.43 0.02 -5.85
C TYR B 80 28.47 -1.06 -5.90
N ARG B 81 29.19 -1.10 -7.02
CA ARG B 81 30.14 -2.17 -7.29
C ARG B 81 31.03 -2.52 -6.09
N GLY B 82 31.39 -1.54 -5.26
CA GLY B 82 32.27 -1.78 -4.12
C GLY B 82 31.71 -1.71 -2.72
N ALA B 83 30.42 -1.95 -2.54
CA ALA B 83 29.84 -2.01 -1.18
C ALA B 83 29.83 -3.43 -0.57
N MET B 84 30.07 -3.50 0.72
CA MET B 84 29.99 -4.75 1.45
C MET B 84 28.49 -4.93 1.61
N GLY B 85 27.79 -3.94 2.12
CA GLY B 85 26.41 -4.17 2.56
C GLY B 85 25.56 -2.95 2.31
N ILE B 86 24.59 -3.09 1.41
CA ILE B 86 23.70 -1.98 1.04
C ILE B 86 22.32 -2.11 1.77
N MET B 87 21.80 -1.02 2.32
CA MET B 87 20.45 -0.99 2.95
C MET B 87 19.46 -0.36 1.97
N LEU B 88 18.38 -1.05 1.64
CA LEU B 88 17.36 -0.54 0.75
C LEU B 88 16.34 0.11 1.62
N VAL B 89 16.11 1.41 1.44
CA VAL B 89 15.29 2.12 2.41
C VAL B 89 13.95 2.61 1.84
N TYR B 90 12.87 2.35 2.58
CA TYR B 90 11.59 2.91 2.22
C TYR B 90 10.88 3.57 3.38
N ASP B 91 9.82 4.29 3.05
CA ASP B 91 9.00 4.97 4.04
C ASP B 91 7.64 4.29 4.19
N ILE B 92 7.30 3.87 5.39
CA ILE B 92 6.03 3.19 5.63
C ILE B 92 4.82 4.09 5.51
N THR B 93 5.07 5.39 5.47
CA THR B 93 4.11 6.42 5.08
C THR B 93 3.74 6.49 3.56
N ASN B 94 4.40 5.68 2.73
CA ASN B 94 4.31 5.86 1.32
C ASN B 94 4.37 4.54 0.59
N GLU B 95 3.32 4.19 -0.15
CA GLU B 95 3.31 2.91 -0.82
C GLU B 95 4.32 2.82 -1.93
N LYS B 96 4.41 3.82 -2.81
CA LYS B 96 5.32 3.60 -3.93
C LYS B 96 6.75 3.50 -3.46
N SER B 97 7.05 4.19 -2.38
CA SER B 97 8.36 4.08 -1.83
C SER B 97 8.56 2.60 -1.57
N PHE B 98 7.52 1.93 -1.09
CA PHE B 98 7.59 0.50 -0.82
C PHE B 98 7.46 -0.35 -2.05
N ASP B 99 6.63 0.07 -2.98
CA ASP B 99 6.45 -0.72 -4.16
C ASP B 99 7.78 -0.80 -4.84
N ASN B 100 8.52 0.30 -4.81
CA ASN B 100 9.76 0.39 -5.58
C ASN B 100 10.92 -0.37 -5.01
N ILE B 101 10.87 -0.72 -3.73
CA ILE B 101 11.91 -1.52 -3.15
C ILE B 101 12.34 -2.56 -4.19
N ARG B 102 11.40 -3.21 -4.85
CA ARG B 102 11.77 -4.18 -5.88
C ARG B 102 12.62 -3.62 -6.98
N ASN B 103 12.29 -2.44 -7.46
CA ASN B 103 13.12 -1.78 -8.48
C ASN B 103 14.56 -1.54 -8.04
N TRP B 104 14.78 -1.35 -6.75
CA TRP B 104 16.13 -1.22 -6.23
C TRP B 104 16.80 -2.57 -6.18
N ILE B 105 16.15 -3.55 -5.58
CA ILE B 105 16.70 -4.91 -5.50
C ILE B 105 17.24 -5.38 -6.84
N ARG B 106 16.59 -4.97 -7.93
CA ARG B 106 17.17 -5.09 -9.26
C ARG B 106 18.52 -4.47 -9.26
N ASN B 107 18.57 -3.16 -9.14
CA ASN B 107 19.83 -2.49 -9.24
C ASN B 107 20.86 -3.21 -8.46
N ILE B 108 20.52 -3.52 -7.23
CA ILE B 108 21.51 -4.06 -6.33
C ILE B 108 22.05 -5.34 -6.95
N GLU B 109 21.14 -6.14 -7.48
CA GLU B 109 21.49 -7.40 -8.12
C GLU B 109 22.23 -7.15 -9.43
N GLU B 110 21.80 -6.07 -10.06
CA GLU B 110 22.24 -5.65 -11.36
C GLU B 110 23.59 -5.02 -11.34
N HIS B 111 23.69 -3.93 -10.61
CA HIS B 111 24.89 -3.06 -10.47
C HIS B 111 25.91 -3.47 -9.41
N ALA B 112 25.48 -4.20 -8.40
CA ALA B 112 26.32 -4.46 -7.25
C ALA B 112 26.91 -5.84 -7.25
N SER B 113 27.58 -6.32 -6.19
CA SER B 113 28.31 -7.64 -6.20
C SER B 113 27.54 -8.97 -5.86
N ALA B 114 28.11 -10.20 -6.02
CA ALA B 114 27.20 -11.34 -6.06
C ALA B 114 26.91 -11.84 -4.65
N ASP B 115 27.74 -11.46 -3.69
CA ASP B 115 27.53 -11.90 -2.29
C ASP B 115 27.14 -10.76 -1.32
N VAL B 116 26.89 -9.57 -1.87
CA VAL B 116 26.68 -8.39 -1.00
C VAL B 116 25.65 -8.71 0.10
N GLU B 117 25.86 -8.15 1.28
CA GLU B 117 24.87 -8.20 2.32
C GLU B 117 23.87 -7.12 2.14
N LYS B 118 22.54 -7.67 2.09
CA LYS B 118 21.48 -6.69 1.86
C LYS B 118 20.62 -6.57 3.10
N MET B 119 19.95 -5.45 3.29
CA MET B 119 19.02 -5.33 4.41
C MET B 119 17.86 -4.39 4.01
N ILE B 120 16.63 -4.65 4.45
CA ILE B 120 15.54 -3.73 4.12
C ILE B 120 15.09 -2.87 5.32
N LEU B 121 14.95 -1.56 5.08
CA LEU B 121 14.62 -0.64 6.15
C LEU B 121 13.30 0.14 5.96
N GLY B 122 12.26 -0.26 6.70
CA GLY B 122 11.02 0.49 6.76
C GLY B 122 11.23 1.67 7.68
N ASN B 123 11.47 2.82 7.09
CA ASN B 123 11.76 3.99 7.91
C ASN B 123 10.49 4.72 8.23
N LYS B 124 10.56 5.62 9.20
CA LYS B 124 9.38 6.33 9.78
C LYS B 124 8.37 5.49 10.66
N CYS B 125 8.80 4.35 11.19
CA CYS B 125 7.90 3.58 12.09
C CYS B 125 7.32 4.54 13.10
N ASP B 126 8.13 5.46 13.59
CA ASP B 126 7.59 6.34 14.60
C ASP B 126 6.30 7.04 14.15
N VAL B 127 6.07 7.23 12.86
CA VAL B 127 4.90 8.05 12.45
C VAL B 127 3.66 7.21 12.11
N ASN B 128 3.16 6.50 13.13
CA ASN B 128 2.20 5.39 12.93
C ASN B 128 0.80 5.71 12.43
N ASP B 129 0.39 6.95 12.62
CA ASP B 129 -0.92 7.40 12.18
C ASP B 129 -0.97 7.73 10.68
N LYS B 130 0.14 7.69 9.98
CA LYS B 130 0.09 7.94 8.55
C LYS B 130 0.57 6.69 7.81
N ARG B 131 0.47 5.58 8.51
CA ARG B 131 1.04 4.34 8.05
C ARG B 131 0.33 3.88 6.82
N GLN B 132 1.07 3.24 5.93
CA GLN B 132 0.50 2.55 4.82
C GLN B 132 1.10 1.18 4.58
N VAL B 133 2.37 0.99 4.93
CA VAL B 133 2.98 -0.31 4.72
C VAL B 133 2.96 -0.98 6.10
N SER B 134 2.47 -2.21 6.12
CA SER B 134 2.24 -2.92 7.34
C SER B 134 3.51 -3.67 7.57
N LYS B 135 3.99 -3.69 8.79
CA LYS B 135 5.23 -4.39 9.08
C LYS B 135 5.27 -5.79 8.47
N GLU B 136 4.21 -6.58 8.58
CA GLU B 136 4.30 -7.97 8.12
C GLU B 136 4.62 -8.02 6.63
N ARG B 137 4.16 -6.98 5.95
CA ARG B 137 4.19 -6.95 4.52
C ARG B 137 5.59 -6.61 4.06
N GLY B 138 6.23 -5.72 4.81
CA GLY B 138 7.65 -5.45 4.64
C GLY B 138 8.39 -6.75 4.88
N GLU B 139 8.12 -7.35 6.05
CA GLU B 139 8.69 -8.64 6.46
C GLU B 139 8.58 -9.77 5.43
N LYS B 140 7.42 -9.90 4.82
CA LYS B 140 7.25 -10.89 3.77
C LYS B 140 8.20 -10.53 2.63
N LEU B 141 8.15 -9.28 2.16
CA LEU B 141 9.02 -8.85 1.08
C LEU B 141 10.42 -9.27 1.40
N ALA B 142 10.83 -8.98 2.63
CA ALA B 142 12.17 -9.25 3.06
C ALA B 142 12.43 -10.72 2.87
N LEU B 143 11.70 -11.57 3.62
CA LEU B 143 11.87 -13.03 3.53
C LEU B 143 11.75 -13.56 2.10
N ASP B 144 11.01 -12.87 1.25
CA ASP B 144 10.94 -13.24 -0.14
C ASP B 144 12.28 -13.26 -0.83
N TYR B 145 13.16 -12.36 -0.41
CA TYR B 145 14.51 -12.27 -0.99
C TYR B 145 15.60 -12.79 -0.08
N GLY B 146 15.20 -13.17 1.13
CA GLY B 146 16.12 -13.75 2.10
C GLY B 146 17.03 -12.69 2.67
N ILE B 147 16.43 -11.61 3.13
CA ILE B 147 17.29 -10.50 3.48
C ILE B 147 16.67 -9.84 4.65
N LYS B 148 17.53 -9.44 5.53
CA LYS B 148 17.03 -9.00 6.81
C LYS B 148 16.14 -7.77 6.66
N PHE B 149 15.32 -7.55 7.67
CA PHE B 149 14.50 -6.36 7.69
C PHE B 149 14.37 -5.82 9.11
N MET B 150 14.20 -4.51 9.20
CA MET B 150 13.73 -3.86 10.41
C MET B 150 12.90 -2.64 10.04
N GLU B 151 12.23 -2.10 11.02
CA GLU B 151 11.56 -0.84 10.84
C GLU B 151 12.32 0.10 11.68
N THR B 152 12.14 1.39 11.42
CA THR B 152 13.22 2.30 11.71
C THR B 152 12.75 3.70 11.74
N SER B 153 13.12 4.58 12.72
CA SER B 153 12.64 5.96 12.80
C SER B 153 13.80 6.95 12.87
N ALA B 154 14.14 7.73 11.86
CA ALA B 154 15.37 8.49 12.03
C ALA B 154 15.18 9.51 13.13
N LYS B 155 13.92 9.85 13.34
CA LYS B 155 13.51 10.92 14.26
C LYS B 155 13.18 10.55 15.70
N ALA B 156 12.54 9.43 15.91
CA ALA B 156 12.36 8.88 17.22
C ALA B 156 13.61 8.16 17.59
N ASN B 157 14.53 8.06 16.67
CA ASN B 157 15.73 7.35 16.96
C ASN B 157 15.64 5.90 17.29
N ILE B 158 14.77 5.23 16.56
CA ILE B 158 14.44 3.80 16.70
C ILE B 158 15.12 2.78 15.76
N ASN B 159 15.97 1.92 16.32
CA ASN B 159 16.54 0.82 15.55
C ASN B 159 17.60 1.20 14.47
N VAL B 160 17.96 2.47 14.40
CA VAL B 160 18.96 2.93 13.44
C VAL B 160 20.34 2.40 13.81
N GLU B 161 20.72 2.60 15.07
CA GLU B 161 22.00 2.11 15.57
C GLU B 161 22.03 0.58 15.52
N ASN B 162 20.88 -0.04 15.79
CA ASN B 162 20.77 -1.49 15.74
C ASN B 162 20.81 -2.01 14.31
N ALA B 163 20.14 -1.44 13.44
CA ALA B 163 20.10 -1.83 12.02
C ALA B 163 21.49 -1.92 11.41
N PHE B 164 22.35 -0.98 11.81
CA PHE B 164 23.71 -0.92 11.27
C PHE B 164 24.62 -1.98 11.90
N PHE B 165 24.52 -2.09 13.20
CA PHE B 165 25.35 -3.04 13.85
C PHE B 165 25.01 -4.38 13.30
N THR B 166 23.73 -4.67 13.26
CA THR B 166 23.23 -5.90 12.71
C THR B 166 23.80 -6.11 11.34
N LEU B 167 23.70 -5.12 10.49
CA LEU B 167 24.32 -5.28 9.18
C LEU B 167 25.83 -5.45 9.32
N ALA B 168 26.45 -4.71 10.24
CA ALA B 168 27.90 -4.83 10.45
C ALA B 168 28.24 -6.18 10.99
N ARG B 169 27.42 -6.74 11.85
CA ARG B 169 27.70 -8.09 12.33
C ARG B 169 27.60 -9.04 11.17
N ASP B 170 26.61 -8.84 10.32
CA ASP B 170 26.40 -9.74 9.20
C ASP B 170 27.57 -9.71 8.22
N ILE B 171 28.18 -8.55 8.03
CA ILE B 171 29.33 -8.42 7.14
C ILE B 171 30.50 -9.15 7.76
N LYS B 172 30.78 -8.88 9.03
CA LYS B 172 31.93 -9.45 9.68
C LYS B 172 31.79 -10.96 9.77
N ALA B 173 30.64 -11.46 10.20
CA ALA B 173 30.51 -12.92 10.35
C ALA B 173 30.85 -13.62 9.06
N LYS B 174 30.58 -12.95 7.95
CA LYS B 174 31.01 -13.43 6.67
C LYS B 174 32.51 -13.54 6.66
N MET B 175 33.17 -12.46 7.02
CA MET B 175 34.61 -12.33 6.82
C MET B 175 35.45 -13.28 7.66
N ASP B 176 35.04 -13.49 8.90
CA ASP B 176 35.73 -14.41 9.79
C ASP B 176 35.57 -15.87 9.34
N LYS B 177 34.53 -16.14 8.55
CA LYS B 177 34.27 -17.49 8.06
C LYS B 177 35.35 -17.93 7.07
N LYS B 178 35.98 -16.95 6.42
CA LYS B 178 37.03 -17.24 5.45
C LYS B 178 38.41 -17.00 6.04
N LEU B 179 38.49 -16.98 7.37
CA LEU B 179 39.74 -16.76 8.07
C LEU B 179 40.77 -16.09 7.16
N GLY C 3 30.63 -28.92 -46.98
CA GLY C 3 30.60 -27.71 -46.19
C GLY C 3 30.82 -27.98 -44.71
N TYR C 4 31.51 -29.07 -44.40
CA TYR C 4 31.78 -29.44 -43.02
C TYR C 4 33.27 -29.30 -42.69
N GLU C 5 34.09 -29.28 -43.73
CA GLU C 5 35.54 -29.14 -43.55
C GLU C 5 35.89 -27.83 -42.86
N ARG C 6 35.32 -26.74 -43.35
CA ARG C 6 35.58 -25.42 -42.77
C ARG C 6 34.86 -25.26 -41.43
N LEU C 7 33.62 -25.75 -41.37
CA LEU C 7 32.82 -25.66 -40.15
C LEU C 7 33.64 -26.09 -38.93
N LYS C 8 34.32 -27.22 -39.05
CA LYS C 8 35.14 -27.74 -37.95
C LYS C 8 36.24 -26.76 -37.57
N GLU C 9 36.92 -26.20 -38.57
CA GLU C 9 38.07 -25.29 -38.36
C GLU C 9 37.68 -23.93 -37.76
N GLU C 10 36.47 -23.44 -38.07
CA GLU C 10 35.99 -22.16 -37.55
C GLU C 10 35.74 -22.18 -36.03
N LEU C 11 35.14 -23.27 -35.53
CA LEU C 11 34.79 -23.39 -34.11
C LEU C 11 35.99 -23.61 -33.17
N ALA C 12 37.11 -24.08 -33.70
CA ALA C 12 38.36 -24.23 -32.92
C ALA C 12 39.22 -22.96 -32.92
N LYS C 13 39.25 -22.24 -34.06
CA LYS C 13 40.00 -20.98 -34.20
C LYS C 13 39.22 -19.77 -33.67
N ALA C 14 37.92 -19.69 -33.95
CA ALA C 14 37.07 -18.64 -33.39
C ALA C 14 36.84 -18.81 -31.88
N GLN C 15 36.77 -20.06 -31.40
CA GLN C 15 36.78 -20.33 -29.95
C GLN C 15 38.15 -20.02 -29.33
N ARG C 16 39.12 -19.65 -30.18
CA ARG C 16 40.39 -19.04 -29.77
C ARG C 16 40.33 -17.50 -29.84
N GLU C 17 39.59 -16.96 -30.83
CA GLU C 17 39.41 -15.50 -30.95
C GLU C 17 38.49 -14.94 -29.84
N LEU C 18 37.45 -15.68 -29.50
CA LEU C 18 36.57 -15.30 -28.39
C LEU C 18 37.36 -15.34 -27.09
N LYS C 19 38.09 -16.43 -26.83
CA LYS C 19 38.98 -16.52 -25.66
C LYS C 19 40.10 -15.47 -25.67
N LEU C 20 40.35 -14.86 -26.83
CA LEU C 20 41.31 -13.77 -26.93
C LEU C 20 40.71 -12.43 -26.45
N LYS C 21 39.52 -12.08 -26.93
CA LYS C 21 38.80 -10.89 -26.44
C LYS C 21 37.82 -11.21 -25.31
N ASP C 22 37.98 -12.40 -24.70
CA ASP C 22 37.37 -12.71 -23.41
C ASP C 22 38.44 -12.65 -22.31
N GLU C 23 39.70 -12.67 -22.72
CA GLU C 23 40.82 -12.40 -21.81
C GLU C 23 40.92 -10.90 -21.55
N GLU C 24 40.66 -10.12 -22.61
CA GLU C 24 40.67 -8.67 -22.56
C GLU C 24 39.76 -8.10 -21.45
N CYS C 25 38.57 -8.67 -21.33
CA CYS C 25 37.59 -8.19 -20.37
C CYS C 25 37.90 -8.66 -18.94
N GLU C 26 38.20 -9.94 -18.77
CA GLU C 26 38.76 -10.39 -17.50
C GLU C 26 39.75 -9.31 -17.03
N ARG C 27 40.63 -8.88 -17.93
CA ARG C 27 41.57 -7.80 -17.64
C ARG C 27 41.07 -6.36 -17.52
N LEU C 28 40.34 -5.88 -18.53
CA LEU C 28 39.84 -4.50 -18.50
C LEU C 28 38.77 -4.15 -17.44
N SER C 29 37.90 -5.10 -17.12
CA SER C 29 36.94 -4.89 -16.04
C SER C 29 37.68 -4.66 -14.72
N LYS C 30 38.76 -5.41 -14.52
CA LYS C 30 39.60 -5.26 -13.34
C LYS C 30 40.36 -3.92 -13.34
N VAL C 31 40.52 -3.28 -14.51
CA VAL C 31 40.98 -1.88 -14.51
C VAL C 31 40.00 -1.06 -13.69
N ARG C 32 38.71 -1.18 -14.00
CA ARG C 32 37.67 -0.39 -13.35
C ARG C 32 37.73 -0.61 -11.86
N ASP C 33 37.51 -1.84 -11.46
CA ASP C 33 37.45 -2.16 -10.04
C ASP C 33 38.55 -1.44 -9.22
N GLN C 34 39.65 -1.10 -9.91
CA GLN C 34 40.70 -0.28 -9.33
C GLN C 34 40.41 1.19 -9.52
N LEU C 35 40.21 1.63 -10.76
CA LEU C 35 39.73 3.00 -10.98
C LEU C 35 38.52 3.33 -10.10
N GLY C 36 37.79 2.30 -9.71
CA GLY C 36 36.64 2.46 -8.85
C GLY C 36 37.03 2.93 -7.49
N GLN C 37 37.92 2.20 -6.84
CA GLN C 37 38.36 2.54 -5.49
C GLN C 37 39.18 3.84 -5.44
N GLU C 38 39.80 4.21 -6.54
CA GLU C 38 40.44 5.50 -6.59
C GLU C 38 39.37 6.59 -6.38
N LEU C 39 38.43 6.66 -7.31
CA LEU C 39 37.31 7.62 -7.25
C LEU C 39 36.58 7.55 -5.93
N GLU C 40 36.29 6.34 -5.46
CA GLU C 40 35.68 6.19 -4.16
C GLU C 40 36.52 6.93 -3.13
N GLU C 41 37.78 6.53 -2.97
CA GLU C 41 38.68 7.06 -1.93
C GLU C 41 38.85 8.57 -1.97
N LEU C 42 39.07 9.10 -3.18
CA LEU C 42 39.17 10.55 -3.37
C LEU C 42 37.95 11.34 -2.88
N THR C 43 36.81 11.10 -3.54
CA THR C 43 35.50 11.58 -3.10
C THR C 43 35.24 11.41 -1.60
N ALA C 44 35.57 10.26 -1.00
CA ALA C 44 35.38 10.15 0.45
C ALA C 44 36.15 11.25 1.19
N SER C 45 37.29 11.69 0.66
CA SER C 45 38.02 12.82 1.32
C SER C 45 37.29 14.14 1.11
N LEU C 46 36.93 14.40 -0.14
CA LEU C 46 36.20 15.58 -0.46
C LEU C 46 34.96 15.77 0.44
N PHE C 47 34.23 14.69 0.70
CA PHE C 47 33.00 14.83 1.44
C PHE C 47 33.31 15.11 2.89
N GLU C 48 34.26 14.36 3.43
CA GLU C 48 34.78 14.63 4.75
C GLU C 48 35.21 16.10 4.94
N GLU C 49 35.87 16.67 3.95
CA GLU C 49 36.48 17.97 4.14
C GLU C 49 35.44 19.02 4.05
N ALA C 50 34.69 19.00 2.95
CA ALA C 50 33.53 19.87 2.77
C ALA C 50 32.63 19.81 3.99
N HIS C 51 32.38 18.63 4.53
CA HIS C 51 31.62 18.58 5.76
C HIS C 51 32.40 19.25 6.92
N LYS C 52 33.71 19.03 7.04
CA LYS C 52 34.50 19.71 8.09
C LYS C 52 34.28 21.24 8.07
N MET C 53 34.24 21.82 6.87
CA MET C 53 34.15 23.28 6.73
C MET C 53 32.79 23.76 7.15
N VAL C 54 31.76 23.08 6.69
CA VAL C 54 30.39 23.46 7.00
C VAL C 54 30.12 23.35 8.51
N ARG C 55 30.55 22.26 9.11
CA ARG C 55 30.39 22.00 10.53
C ARG C 55 30.96 23.15 11.30
N GLU C 56 32.16 23.56 10.91
CA GLU C 56 32.85 24.65 11.60
C GLU C 56 32.04 25.94 11.49
N ALA C 57 31.69 26.32 10.27
CA ALA C 57 30.88 27.51 10.05
C ALA C 57 29.58 27.42 10.83
N ASN C 58 29.17 26.19 11.13
CA ASN C 58 27.96 25.95 11.91
C ASN C 58 28.19 26.12 13.40
N ILE C 59 29.08 25.30 13.95
CA ILE C 59 29.42 25.38 15.36
C ILE C 59 29.54 26.84 15.80
N LYS C 60 30.25 27.62 15.00
CA LYS C 60 30.39 29.05 15.27
C LYS C 60 29.03 29.74 15.32
N GLN C 61 28.24 29.62 14.27
CA GLN C 61 26.82 29.99 14.34
C GLN C 61 26.21 29.59 15.68
N ALA C 62 26.18 28.30 15.96
CA ALA C 62 25.64 27.79 17.22
C ALA C 62 26.00 28.71 18.40
N THR C 63 27.28 28.76 18.74
CA THR C 63 27.71 29.48 19.94
C THR C 63 27.09 30.88 20.06
N ALA C 64 27.33 31.73 19.06
CA ALA C 64 26.60 32.99 18.94
C ALA C 64 25.11 32.82 19.25
N GLU C 65 24.40 32.02 18.48
CA GLU C 65 22.96 31.86 18.68
C GLU C 65 22.64 31.49 20.13
N LYS C 66 23.51 30.70 20.76
CA LYS C 66 23.34 30.36 22.17
C LYS C 66 23.53 31.58 23.04
N GLN C 67 24.61 32.33 22.78
CA GLN C 67 24.90 33.54 23.56
C GLN C 67 23.70 34.50 23.62
N LEU C 68 23.06 34.76 22.47
CA LEU C 68 21.78 35.50 22.47
C LEU C 68 20.82 34.95 23.51
N LYS C 69 20.48 33.66 23.40
CA LYS C 69 19.56 32.99 24.34
C LYS C 69 20.01 33.06 25.79
N GLU C 70 21.33 33.16 26.00
CA GLU C 70 21.89 33.46 27.31
C GLU C 70 21.27 34.76 27.85
N ALA C 71 21.31 35.82 27.03
CA ALA C 71 20.74 37.14 27.40
C ALA C 71 19.25 37.09 27.72
N GLN C 72 18.42 36.72 26.74
CA GLN C 72 16.96 36.66 26.90
C GLN C 72 16.48 35.62 27.94
N GLY C 73 17.24 34.53 28.10
CA GLY C 73 16.95 33.53 29.13
C GLY C 73 17.02 34.09 30.55
N LYS C 74 18.02 34.95 30.78
CA LYS C 74 18.21 35.64 32.07
C LYS C 74 17.91 37.12 31.94
N GLY D 3 27.08 -34.47 -36.00
CA GLY D 3 27.97 -33.96 -37.07
C GLY D 3 27.60 -32.55 -37.52
N TYR D 4 26.54 -32.44 -38.32
CA TYR D 4 26.15 -31.18 -38.97
C TYR D 4 25.75 -30.05 -38.01
N GLU D 5 24.98 -30.36 -36.98
CA GLU D 5 24.46 -29.37 -36.02
C GLU D 5 25.53 -28.78 -35.11
N ARG D 6 26.63 -29.50 -34.91
CA ARG D 6 27.79 -28.98 -34.17
C ARG D 6 28.52 -27.86 -34.92
N LEU D 7 28.57 -27.96 -36.25
CA LEU D 7 29.19 -26.93 -37.10
C LEU D 7 28.37 -25.64 -37.12
N LYS D 8 27.04 -25.77 -37.18
CA LYS D 8 26.15 -24.62 -37.09
C LYS D 8 26.09 -24.02 -35.66
N GLU D 9 26.11 -24.89 -34.64
CA GLU D 9 25.96 -24.46 -33.23
C GLU D 9 27.22 -23.86 -32.59
N GLU D 10 28.39 -24.41 -32.92
CA GLU D 10 29.67 -23.89 -32.44
C GLU D 10 30.12 -22.64 -33.22
N LEU D 11 29.81 -22.55 -34.52
CA LEU D 11 30.03 -21.31 -35.29
C LEU D 11 28.96 -20.25 -34.97
N ALA D 12 27.83 -20.67 -34.39
CA ALA D 12 26.80 -19.75 -33.87
C ALA D 12 27.15 -19.22 -32.47
N LYS D 13 27.91 -20.00 -31.71
CA LYS D 13 28.46 -19.55 -30.42
C LYS D 13 29.64 -18.60 -30.65
N ALA D 14 30.36 -18.81 -31.75
CA ALA D 14 31.36 -17.83 -32.22
C ALA D 14 30.67 -16.61 -32.80
N GLN D 15 29.44 -16.77 -33.27
CA GLN D 15 28.58 -15.64 -33.66
C GLN D 15 27.95 -14.98 -32.42
N ARG D 16 27.57 -15.78 -31.42
CA ARG D 16 26.91 -15.31 -30.19
C ARG D 16 27.80 -14.44 -29.28
N GLU D 17 28.90 -15.02 -28.77
CA GLU D 17 29.88 -14.26 -27.97
C GLU D 17 31.05 -13.64 -28.79
N LEU D 18 30.98 -13.72 -30.12
CA LEU D 18 31.88 -12.92 -31.00
C LEU D 18 31.68 -11.47 -30.66
N LYS D 19 30.40 -11.07 -30.63
CA LYS D 19 29.97 -9.71 -30.27
C LYS D 19 30.17 -9.37 -28.79
N LEU D 20 30.03 -10.37 -27.92
CA LEU D 20 30.18 -10.19 -26.46
C LEU D 20 31.45 -9.41 -26.09
N LYS D 21 32.58 -9.78 -26.69
CA LYS D 21 33.80 -9.00 -26.54
C LYS D 21 33.73 -7.72 -27.37
N ASP D 22 33.17 -7.81 -28.58
CA ASP D 22 33.08 -6.65 -29.46
C ASP D 22 32.52 -5.44 -28.73
N GLU D 23 31.31 -5.62 -28.18
CA GLU D 23 30.58 -4.53 -27.53
C GLU D 23 31.22 -4.08 -26.22
N GLU D 24 31.68 -5.06 -25.44
CA GLU D 24 32.20 -4.80 -24.09
C GLU D 24 33.31 -3.75 -24.05
N CYS D 25 34.34 -3.91 -24.87
CA CYS D 25 35.49 -3.00 -24.87
C CYS D 25 35.19 -1.60 -25.41
N GLU D 26 34.12 -1.44 -26.18
CA GLU D 26 33.61 -0.11 -26.47
C GLU D 26 33.09 0.48 -25.16
N ARG D 27 32.30 -0.31 -24.43
CA ARG D 27 31.76 0.14 -23.14
C ARG D 27 32.90 0.44 -22.21
N LEU D 28 33.72 -0.58 -21.92
CA LEU D 28 34.76 -0.47 -20.89
C LEU D 28 35.85 0.57 -21.15
N SER D 29 36.00 1.04 -22.39
CA SER D 29 36.93 2.15 -22.64
C SER D 29 36.32 3.45 -22.15
N LYS D 30 35.00 3.61 -22.33
CA LYS D 30 34.31 4.84 -21.98
C LYS D 30 34.30 5.15 -20.48
N VAL D 31 34.55 4.15 -19.64
CA VAL D 31 34.47 4.29 -18.17
C VAL D 31 35.50 5.20 -17.52
N ARG D 32 36.79 5.03 -17.82
CA ARG D 32 37.79 5.90 -17.21
C ARG D 32 37.47 7.37 -17.55
N ASP D 33 37.25 7.67 -18.82
CA ASP D 33 36.98 9.03 -19.20
C ASP D 33 35.73 9.55 -18.51
N GLN D 34 34.74 8.67 -18.30
CA GLN D 34 33.47 9.04 -17.66
C GLN D 34 33.65 9.32 -16.19
N LEU D 35 34.31 8.38 -15.53
CA LEU D 35 34.57 8.51 -14.14
C LEU D 35 35.23 9.87 -13.90
N GLY D 36 36.20 10.24 -14.74
CA GLY D 36 36.91 11.52 -14.66
C GLY D 36 36.01 12.70 -14.92
N GLN D 37 35.23 12.65 -15.99
CA GLN D 37 34.31 13.73 -16.29
C GLN D 37 33.31 13.95 -15.14
N GLU D 38 32.96 12.88 -14.43
CA GLU D 38 31.99 13.00 -13.34
C GLU D 38 32.72 13.62 -12.15
N LEU D 39 33.75 12.96 -11.67
CA LEU D 39 34.60 13.53 -10.59
C LEU D 39 34.96 14.96 -10.73
N GLU D 40 35.05 15.37 -11.99
CA GLU D 40 35.40 16.72 -12.29
C GLU D 40 34.25 17.63 -11.93
N GLU D 41 33.04 17.25 -12.32
CA GLU D 41 31.87 18.05 -12.01
C GLU D 41 31.37 17.86 -10.58
N LEU D 42 31.48 16.64 -10.04
CA LEU D 42 31.05 16.38 -8.70
C LEU D 42 31.80 17.39 -7.87
N THR D 43 33.10 17.50 -8.17
CA THR D 43 33.96 18.34 -7.36
C THR D 43 33.57 19.80 -7.43
N ALA D 44 33.24 20.28 -8.63
CA ALA D 44 32.90 21.69 -8.70
C ALA D 44 31.73 21.89 -7.77
N SER D 45 30.76 20.98 -7.81
CA SER D 45 29.51 21.17 -7.05
C SER D 45 29.84 21.14 -5.61
N LEU D 46 30.54 20.09 -5.22
CA LEU D 46 30.84 19.90 -3.84
C LEU D 46 31.48 21.16 -3.27
N PHE D 47 32.29 21.83 -4.09
CA PHE D 47 33.00 23.04 -3.64
C PHE D 47 31.99 24.17 -3.42
N GLU D 48 31.27 24.47 -4.49
CA GLU D 48 30.24 25.50 -4.47
C GLU D 48 29.11 25.24 -3.48
N GLU D 49 28.71 23.99 -3.39
CA GLU D 49 27.63 23.69 -2.51
C GLU D 49 28.13 23.91 -1.09
N ALA D 50 29.32 23.40 -0.77
CA ALA D 50 29.86 23.60 0.58
C ALA D 50 30.11 25.09 0.88
N HIS D 51 30.46 25.85 -0.14
CA HIS D 51 30.67 27.26 0.04
C HIS D 51 29.37 27.94 0.38
N LYS D 52 28.29 27.57 -0.34
CA LYS D 52 26.96 28.13 -0.09
C LYS D 52 26.47 27.89 1.34
N MET D 53 26.63 26.66 1.82
CA MET D 53 26.23 26.27 3.17
C MET D 53 27.01 26.98 4.24
N VAL D 54 28.24 27.32 3.91
CA VAL D 54 29.10 27.99 4.84
C VAL D 54 28.68 29.43 4.93
N ARG D 55 28.53 30.08 3.77
CA ARG D 55 28.03 31.45 3.74
C ARG D 55 26.71 31.58 4.53
N GLU D 56 25.77 30.65 4.35
CA GLU D 56 24.51 30.65 5.13
C GLU D 56 24.70 30.79 6.63
N ALA D 57 25.50 29.90 7.21
CA ALA D 57 25.70 29.88 8.65
C ALA D 57 26.64 30.96 9.12
N ASN D 58 27.32 31.64 8.21
CA ASN D 58 28.07 32.83 8.58
C ASN D 58 27.02 33.91 8.87
N ILE D 59 26.21 34.16 7.86
CA ILE D 59 25.23 35.22 7.89
C ILE D 59 24.38 35.16 9.15
N LYS D 60 24.04 33.96 9.60
CA LYS D 60 23.30 33.81 10.84
C LYS D 60 24.16 34.12 12.05
N GLN D 61 25.48 33.95 11.94
CA GLN D 61 26.38 34.49 12.95
C GLN D 61 26.28 36.00 12.97
N ALA D 62 25.97 36.60 11.83
CA ALA D 62 25.77 38.04 11.79
C ALA D 62 24.57 38.42 12.64
N THR D 63 23.40 38.02 12.18
CA THR D 63 22.14 38.34 12.85
C THR D 63 22.26 38.09 14.36
N ALA D 64 22.81 36.94 14.72
CA ALA D 64 22.98 36.58 16.12
C ALA D 64 24.06 37.38 16.87
N GLU D 65 24.71 38.34 16.20
CA GLU D 65 25.70 39.24 16.81
C GLU D 65 25.27 40.72 16.75
N LYS D 66 24.53 41.07 15.69
CA LYS D 66 23.84 42.35 15.58
C LYS D 66 22.62 42.38 16.50
N GLN D 67 22.16 41.21 16.94
CA GLN D 67 21.18 41.12 18.03
C GLN D 67 21.79 41.15 19.43
N LEU D 68 23.11 41.36 19.55
CA LEU D 68 23.72 41.71 20.85
C LEU D 68 24.55 43.01 20.79
N LYS D 69 25.14 43.30 19.64
CA LYS D 69 25.78 44.59 19.41
C LYS D 69 24.70 45.66 19.52
N GLU D 70 23.77 45.66 18.55
CA GLU D 70 22.64 46.61 18.52
C GLU D 70 21.84 46.59 19.83
N ALA D 71 21.58 45.39 20.36
CA ALA D 71 20.85 45.24 21.63
C ALA D 71 21.67 45.75 22.83
N GLN D 72 22.99 45.54 22.80
CA GLN D 72 23.89 46.08 23.84
C GLN D 72 23.78 47.61 23.92
N GLY D 73 23.73 48.26 22.75
CA GLY D 73 23.51 49.70 22.63
C GLY D 73 22.08 50.04 22.27
N GLY E 3 -13.09 -58.26 12.82
CA GLY E 3 -14.09 -57.15 12.67
C GLY E 3 -14.43 -56.90 11.22
N TYR E 4 -14.90 -57.94 10.54
CA TYR E 4 -15.39 -57.84 9.15
C TYR E 4 -16.90 -57.53 9.12
N GLU E 5 -17.67 -58.22 9.96
CA GLU E 5 -19.10 -57.94 10.13
C GLU E 5 -19.34 -56.71 11.00
N ARG E 6 -18.34 -56.35 11.82
CA ARG E 6 -18.39 -55.13 12.63
C ARG E 6 -18.11 -53.88 11.79
N LEU E 7 -17.20 -53.99 10.83
CA LEU E 7 -16.88 -52.90 9.90
C LEU E 7 -17.88 -52.83 8.73
N LYS E 8 -18.38 -53.99 8.29
CA LYS E 8 -19.42 -54.05 7.24
C LYS E 8 -20.77 -53.56 7.75
N GLU E 9 -21.00 -53.66 9.06
CA GLU E 9 -22.24 -53.19 9.70
C GLU E 9 -22.15 -51.72 10.08
N GLU E 10 -21.14 -51.36 10.87
CA GLU E 10 -20.96 -49.98 11.36
C GLU E 10 -20.80 -48.93 10.26
N LEU E 11 -20.07 -49.28 9.21
CA LEU E 11 -19.95 -48.43 8.02
C LEU E 11 -21.31 -48.16 7.37
N ALA E 12 -22.28 -49.06 7.60
CA ALA E 12 -23.67 -48.85 7.19
C ALA E 12 -24.38 -47.83 8.09
N LYS E 13 -24.09 -47.87 9.40
CA LYS E 13 -24.66 -46.90 10.35
C LYS E 13 -24.07 -45.51 10.12
N ALA E 14 -22.75 -45.41 10.20
CA ALA E 14 -22.04 -44.14 10.01
C ALA E 14 -22.09 -43.61 8.56
N GLN E 15 -22.42 -44.48 7.59
CA GLN E 15 -22.67 -44.05 6.21
C GLN E 15 -24.02 -43.35 6.16
N ARG E 16 -25.03 -44.03 6.69
CA ARG E 16 -26.35 -43.44 6.89
C ARG E 16 -26.24 -42.16 7.75
N GLU E 17 -25.31 -42.16 8.70
CA GLU E 17 -25.07 -41.02 9.61
C GLU E 17 -24.84 -39.71 8.85
N LEU E 18 -23.70 -39.59 8.17
CA LEU E 18 -23.48 -38.44 7.31
C LEU E 18 -24.69 -38.27 6.38
N LYS E 19 -25.23 -39.39 5.86
CA LYS E 19 -26.39 -39.38 4.94
C LYS E 19 -27.66 -38.75 5.53
N LEU E 20 -27.95 -39.08 6.79
CA LEU E 20 -29.09 -38.50 7.51
C LEU E 20 -28.91 -36.98 7.63
N LYS E 21 -27.73 -36.55 8.11
CA LYS E 21 -27.40 -35.12 8.27
C LYS E 21 -27.28 -34.35 6.96
N ASP E 22 -26.63 -34.95 5.97
CA ASP E 22 -26.64 -34.45 4.61
C ASP E 22 -28.05 -33.98 4.28
N GLU E 23 -28.99 -34.93 4.29
CA GLU E 23 -30.40 -34.66 4.11
C GLU E 23 -30.90 -33.62 5.13
N GLU E 24 -30.39 -33.69 6.36
CA GLU E 24 -30.77 -32.76 7.41
C GLU E 24 -30.14 -31.39 7.19
N CYS E 25 -29.00 -31.38 6.50
CA CYS E 25 -28.29 -30.14 6.21
C CYS E 25 -29.06 -29.29 5.22
N GLU E 26 -29.38 -29.87 4.07
CA GLU E 26 -30.13 -29.17 3.03
C GLU E 26 -31.46 -28.66 3.56
N ARG E 27 -32.01 -29.37 4.54
CA ARG E 27 -33.28 -28.98 5.15
C ARG E 27 -33.12 -27.75 6.02
N LEU E 28 -32.08 -27.75 6.85
CA LEU E 28 -31.83 -26.62 7.73
C LEU E 28 -31.36 -25.34 7.01
N SER E 29 -30.51 -25.50 6.02
CA SER E 29 -30.09 -24.39 5.18
C SER E 29 -31.20 -23.88 4.29
N LYS E 30 -32.18 -24.72 4.00
CA LYS E 30 -33.29 -24.35 3.14
C LYS E 30 -34.20 -23.37 3.85
N VAL E 31 -34.50 -23.63 5.12
CA VAL E 31 -35.37 -22.75 5.85
C VAL E 31 -34.63 -21.52 6.32
N ARG E 32 -33.31 -21.51 6.29
CA ARG E 32 -32.54 -20.30 6.60
C ARG E 32 -32.57 -19.35 5.42
N ASP E 33 -32.51 -19.90 4.22
CA ASP E 33 -32.59 -19.06 3.05
C ASP E 33 -33.99 -18.54 2.99
N GLN E 34 -34.96 -19.40 3.21
CA GLN E 34 -36.34 -18.97 3.08
C GLN E 34 -36.60 -17.85 4.08
N LEU E 35 -36.12 -18.01 5.30
CA LEU E 35 -36.31 -16.97 6.29
C LEU E 35 -35.59 -15.68 5.89
N GLY E 36 -34.35 -15.81 5.42
CA GLY E 36 -33.58 -14.63 5.02
C GLY E 36 -34.23 -13.79 3.94
N GLN E 37 -34.97 -14.42 3.04
CA GLN E 37 -35.58 -13.69 1.92
C GLN E 37 -36.74 -12.91 2.46
N GLU E 38 -37.41 -13.43 3.48
CA GLU E 38 -38.57 -12.78 4.05
C GLU E 38 -38.12 -11.59 4.86
N LEU E 39 -36.99 -11.74 5.54
CA LEU E 39 -36.36 -10.64 6.24
C LEU E 39 -35.76 -9.60 5.27
N GLU E 40 -35.36 -10.05 4.08
CA GLU E 40 -34.79 -9.14 3.08
C GLU E 40 -35.88 -8.17 2.71
N GLU E 41 -37.05 -8.70 2.37
CA GLU E 41 -38.09 -7.84 1.81
C GLU E 41 -38.80 -7.06 2.92
N LEU E 42 -38.92 -7.67 4.09
CA LEU E 42 -39.51 -6.94 5.17
C LEU E 42 -38.69 -5.67 5.39
N THR E 43 -37.36 -5.84 5.55
CA THR E 43 -36.44 -4.73 5.77
C THR E 43 -36.29 -3.83 4.58
N ALA E 44 -36.41 -4.38 3.38
CA ALA E 44 -36.36 -3.50 2.22
C ALA E 44 -37.46 -2.47 2.36
N SER E 45 -38.62 -2.91 2.84
CA SER E 45 -39.76 -2.02 2.95
C SER E 45 -39.54 -1.01 4.05
N LEU E 46 -39.01 -1.46 5.18
CA LEU E 46 -38.86 -0.59 6.31
C LEU E 46 -37.92 0.48 5.96
N PHE E 47 -36.85 0.14 5.27
CA PHE E 47 -35.86 1.16 4.88
C PHE E 47 -36.49 2.15 3.95
N GLU E 48 -37.08 1.66 2.89
CA GLU E 48 -37.70 2.52 1.91
C GLU E 48 -38.53 3.55 2.59
N GLU E 49 -39.42 3.15 3.49
CA GLU E 49 -40.32 4.11 4.11
C GLU E 49 -39.55 5.02 5.04
N ALA E 50 -38.69 4.42 5.85
CA ALA E 50 -37.86 5.15 6.80
C ALA E 50 -37.17 6.32 6.15
N HIS E 51 -36.65 6.10 4.95
CA HIS E 51 -36.11 7.18 4.15
C HIS E 51 -37.27 8.02 3.70
N LYS E 52 -38.21 7.45 2.97
CA LYS E 52 -39.34 8.24 2.42
C LYS E 52 -39.81 9.34 3.34
N MET E 53 -39.91 9.03 4.62
CA MET E 53 -40.40 9.97 5.61
C MET E 53 -39.44 11.11 5.82
N VAL E 54 -38.24 10.72 6.20
CA VAL E 54 -37.13 11.63 6.45
C VAL E 54 -36.92 12.57 5.28
N ARG E 55 -37.00 12.08 4.04
CA ARG E 55 -36.90 12.97 2.89
C ARG E 55 -37.89 14.12 2.96
N GLU E 56 -39.15 13.82 3.25
CA GLU E 56 -40.20 14.84 3.30
C GLU E 56 -40.03 15.78 4.46
N ALA E 57 -39.42 15.30 5.53
CA ALA E 57 -39.03 16.14 6.66
C ALA E 57 -37.99 17.15 6.22
N ASN E 58 -37.15 16.73 5.26
CA ASN E 58 -36.09 17.55 4.72
C ASN E 58 -36.51 18.42 3.54
N ILE E 59 -37.41 17.92 2.69
CA ILE E 59 -37.96 18.71 1.57
C ILE E 59 -38.64 19.97 2.05
N LYS E 60 -39.21 19.92 3.25
CA LYS E 60 -39.87 21.08 3.82
C LYS E 60 -38.82 22.02 4.45
N GLN E 61 -38.01 21.50 5.39
CA GLN E 61 -36.83 22.24 5.89
C GLN E 61 -36.07 22.86 4.72
N ALA E 62 -36.08 22.19 3.57
CA ALA E 62 -35.54 22.78 2.35
C ALA E 62 -36.15 24.08 1.84
N THR E 63 -37.45 24.07 1.56
CA THR E 63 -38.07 25.24 0.97
C THR E 63 -38.53 26.30 1.97
N ALA E 64 -38.41 26.02 3.27
CA ALA E 64 -38.66 27.05 4.30
C ALA E 64 -37.42 27.91 4.53
N GLU E 65 -36.26 27.23 4.65
CA GLU E 65 -34.96 27.89 4.73
C GLU E 65 -34.56 28.49 3.37
N LYS E 66 -35.06 27.91 2.28
CA LYS E 66 -34.87 28.46 0.93
C LYS E 66 -35.73 29.71 0.70
N GLN E 67 -36.94 29.71 1.26
CA GLN E 67 -37.77 30.92 1.34
C GLN E 67 -37.06 32.02 2.15
N LEU E 68 -36.39 31.61 3.24
CA LEU E 68 -35.63 32.52 4.11
C LEU E 68 -34.44 33.16 3.40
N LYS E 69 -33.66 32.37 2.66
CA LYS E 69 -32.56 32.92 1.87
C LYS E 69 -33.06 33.81 0.72
N GLU E 70 -34.31 33.64 0.31
CA GLU E 70 -34.95 34.56 -0.65
C GLU E 70 -35.24 35.95 -0.03
N ALA E 71 -35.44 36.00 1.28
CA ALA E 71 -35.59 37.28 1.98
C ALA E 71 -34.33 37.69 2.80
N GLN E 72 -33.63 36.71 3.37
CA GLN E 72 -32.46 36.95 4.25
C GLN E 72 -31.25 37.59 3.56
N GLY E 73 -31.14 37.39 2.24
CA GLY E 73 -30.08 38.02 1.46
C GLY E 73 -30.37 39.48 1.12
N LYS E 74 -31.65 39.81 0.93
CA LYS E 74 -32.10 41.19 0.62
C LYS E 74 -32.11 42.12 1.84
N ILE E 75 -32.07 41.52 3.05
CA ILE E 75 -31.83 42.28 4.28
C ILE E 75 -30.35 42.61 4.40
N ASP E 76 -29.50 41.59 4.21
CA ASP E 76 -28.04 41.72 4.26
C ASP E 76 -27.49 42.57 3.12
N VAL E 77 -28.12 42.47 1.95
CA VAL E 77 -27.81 43.34 0.82
C VAL E 77 -27.82 44.81 1.23
N LEU E 78 -28.73 45.17 2.14
CA LEU E 78 -28.83 46.52 2.71
C LEU E 78 -28.68 46.53 4.23
N GLY F 3 -2.56 -49.31 4.05
CA GLY F 3 -3.33 -50.13 5.01
C GLY F 3 -3.12 -49.72 6.46
N TYR F 4 -1.87 -49.76 6.91
CA TYR F 4 -1.53 -49.37 8.28
C TYR F 4 -1.78 -47.88 8.49
N GLU F 5 -1.13 -47.05 7.68
CA GLU F 5 -1.38 -45.61 7.67
C GLU F 5 -2.72 -45.27 7.00
N ARG F 6 -3.22 -46.19 6.16
CA ARG F 6 -4.51 -46.04 5.49
C ARG F 6 -5.73 -46.17 6.42
N LEU F 7 -5.50 -46.67 7.64
CA LEU F 7 -6.55 -46.76 8.67
C LEU F 7 -6.75 -45.43 9.42
N LYS F 8 -5.65 -44.72 9.67
CA LYS F 8 -5.67 -43.43 10.39
C LYS F 8 -6.11 -42.22 9.54
N GLU F 9 -6.16 -42.38 8.21
CA GLU F 9 -6.54 -41.30 7.29
C GLU F 9 -8.05 -41.23 6.99
N GLU F 10 -8.80 -42.24 7.46
CA GLU F 10 -10.26 -42.30 7.28
C GLU F 10 -11.05 -41.84 8.52
N LEU F 11 -10.68 -42.35 9.70
CA LEU F 11 -11.29 -41.91 10.96
C LEU F 11 -10.78 -40.54 11.42
N ALA F 12 -9.67 -40.09 10.86
CA ALA F 12 -9.22 -38.72 11.05
C ALA F 12 -10.10 -37.76 10.24
N LYS F 13 -10.55 -38.24 9.08
CA LYS F 13 -11.37 -37.44 8.16
C LYS F 13 -12.89 -37.70 8.31
N ALA F 14 -13.30 -38.94 8.61
CA ALA F 14 -14.71 -39.27 8.86
C ALA F 14 -15.21 -38.67 10.20
N GLN F 15 -14.37 -38.80 11.23
CA GLN F 15 -14.60 -38.13 12.52
C GLN F 15 -14.48 -36.61 12.39
N ARG F 16 -13.66 -36.16 11.45
CA ARG F 16 -13.68 -34.76 11.05
C ARG F 16 -15.04 -34.45 10.39
N GLU F 17 -15.52 -35.39 9.56
CA GLU F 17 -16.74 -35.20 8.76
C GLU F 17 -18.03 -35.07 9.58
N LEU F 18 -18.44 -36.13 10.30
CA LEU F 18 -19.68 -36.10 11.09
C LEU F 18 -19.70 -34.96 12.12
N LYS F 19 -18.54 -34.58 12.65
CA LYS F 19 -18.43 -33.38 13.50
C LYS F 19 -18.86 -32.17 12.70
N LEU F 20 -18.31 -32.03 11.49
CA LEU F 20 -18.63 -30.90 10.61
C LEU F 20 -20.15 -30.61 10.52
N LYS F 21 -20.93 -31.60 10.09
CA LYS F 21 -22.39 -31.44 9.94
C LYS F 21 -23.04 -31.14 11.29
N ASP F 22 -22.86 -32.03 12.27
CA ASP F 22 -23.39 -31.81 13.63
C ASP F 22 -23.16 -30.39 14.11
N GLU F 23 -22.02 -29.80 13.75
CA GLU F 23 -21.70 -28.43 14.10
C GLU F 23 -22.46 -27.45 13.23
N GLU F 24 -22.63 -27.80 11.95
CA GLU F 24 -23.43 -27.00 11.02
C GLU F 24 -24.84 -26.71 11.57
N CYS F 25 -25.55 -27.75 12.01
CA CYS F 25 -26.95 -27.61 12.46
C CYS F 25 -27.10 -26.82 13.71
N GLU F 26 -26.30 -27.13 14.71
CA GLU F 26 -26.25 -26.30 15.89
C GLU F 26 -26.52 -24.87 15.45
N ARG F 27 -25.83 -24.41 14.41
CA ARG F 27 -25.94 -23.04 13.94
C ARG F 27 -27.28 -22.77 13.25
N LEU F 28 -27.51 -23.49 12.18
CA LEU F 28 -28.69 -23.32 11.36
C LEU F 28 -29.96 -23.43 12.20
N SER F 29 -29.88 -24.13 13.33
CA SER F 29 -30.99 -24.32 14.24
C SER F 29 -31.29 -23.04 15.00
N LYS F 30 -30.23 -22.37 15.41
CA LYS F 30 -30.38 -21.17 16.18
C LYS F 30 -30.88 -19.99 15.35
N VAL F 31 -30.82 -20.12 14.01
CA VAL F 31 -31.04 -19.00 13.09
C VAL F 31 -32.40 -18.32 13.19
N ARG F 32 -33.50 -19.03 12.92
CA ARG F 32 -34.80 -18.35 12.94
C ARG F 32 -34.93 -17.42 14.14
N ASP F 33 -34.53 -17.91 15.31
CA ASP F 33 -34.64 -17.10 16.51
C ASP F 33 -33.80 -15.83 16.40
N GLN F 34 -32.53 -16.01 16.05
CA GLN F 34 -31.59 -14.87 15.88
C GLN F 34 -32.06 -13.85 14.85
N LEU F 35 -32.42 -14.35 13.68
CA LEU F 35 -32.89 -13.53 12.58
C LEU F 35 -34.04 -12.66 13.03
N GLY F 36 -34.96 -13.21 13.80
CA GLY F 36 -36.05 -12.41 14.36
C GLY F 36 -35.58 -11.48 15.47
N GLN F 37 -34.97 -12.06 16.50
CA GLN F 37 -34.43 -11.26 17.59
C GLN F 37 -33.64 -10.06 17.04
N GLU F 38 -32.88 -10.27 15.98
CA GLU F 38 -32.20 -9.18 15.30
C GLU F 38 -33.24 -8.29 14.62
N LEU F 39 -34.16 -8.88 13.87
CA LEU F 39 -35.17 -8.07 13.20
C LEU F 39 -35.71 -7.02 14.18
N GLU F 40 -36.08 -7.45 15.37
CA GLU F 40 -36.69 -6.55 16.32
C GLU F 40 -35.75 -5.39 16.56
N GLU F 41 -34.52 -5.72 16.97
CA GLU F 41 -33.50 -4.71 17.31
C GLU F 41 -33.35 -3.72 16.18
N LEU F 42 -33.24 -4.24 14.99
CA LEU F 42 -33.10 -3.40 13.86
C LEU F 42 -34.30 -2.47 13.77
N THR F 43 -35.49 -3.06 13.77
CA THR F 43 -36.71 -2.29 13.56
C THR F 43 -36.82 -1.11 14.55
N ALA F 44 -36.57 -1.39 15.81
CA ALA F 44 -36.43 -0.33 16.82
C ALA F 44 -35.44 0.70 16.33
N SER F 45 -34.19 0.28 16.18
CA SER F 45 -33.13 1.18 15.77
C SER F 45 -33.54 1.98 14.57
N LEU F 46 -34.08 1.28 13.59
CA LEU F 46 -34.64 1.96 12.44
C LEU F 46 -35.64 2.99 12.95
N PHE F 47 -36.64 2.55 13.70
CA PHE F 47 -37.67 3.46 14.17
C PHE F 47 -37.14 4.67 14.91
N GLU F 48 -36.19 4.41 15.80
CA GLU F 48 -35.70 5.42 16.72
C GLU F 48 -35.00 6.52 15.96
N GLU F 49 -34.01 6.11 15.16
CA GLU F 49 -33.21 7.06 14.39
C GLU F 49 -33.98 7.78 13.29
N ALA F 50 -35.05 7.16 12.81
CA ALA F 50 -35.88 7.75 11.77
C ALA F 50 -36.63 8.97 12.32
N HIS F 51 -37.22 8.80 13.50
CA HIS F 51 -37.94 9.88 14.13
C HIS F 51 -37.01 10.98 14.55
N LYS F 52 -35.90 10.60 15.17
CA LYS F 52 -34.89 11.55 15.61
C LYS F 52 -34.40 12.39 14.43
N MET F 53 -34.37 11.77 13.26
CA MET F 53 -33.94 12.45 12.04
C MET F 53 -35.01 13.43 11.56
N VAL F 54 -36.27 13.03 11.71
CA VAL F 54 -37.40 13.89 11.30
C VAL F 54 -37.48 15.06 12.31
N ARG F 55 -37.04 14.81 13.54
CA ARG F 55 -37.10 15.80 14.64
C ARG F 55 -36.21 16.99 14.31
N GLU F 56 -34.94 16.69 14.07
CA GLU F 56 -33.97 17.69 13.66
C GLU F 56 -34.48 18.49 12.48
N ALA F 57 -35.06 17.83 11.50
CA ALA F 57 -35.56 18.53 10.32
C ALA F 57 -36.78 19.41 10.61
N ASN F 58 -37.46 19.14 11.73
CA ASN F 58 -38.59 19.99 12.14
C ASN F 58 -38.12 21.14 13.00
N ILE F 59 -37.22 20.86 13.94
CA ILE F 59 -36.53 21.88 14.74
C ILE F 59 -36.08 23.03 13.86
N LYS F 60 -35.48 22.68 12.73
CA LYS F 60 -34.90 23.66 11.80
C LYS F 60 -35.93 24.22 10.82
N GLN F 61 -37.11 23.61 10.79
CA GLN F 61 -38.20 24.10 9.95
C GLN F 61 -38.96 25.18 10.70
N ALA F 62 -38.91 25.12 12.03
CA ALA F 62 -39.55 26.13 12.87
C ALA F 62 -38.63 27.33 13.04
N THR F 63 -37.44 27.09 13.58
CA THR F 63 -36.45 28.15 13.77
C THR F 63 -36.24 28.91 12.47
N ALA F 64 -35.90 28.18 11.41
CA ALA F 64 -35.70 28.79 10.11
C ALA F 64 -36.91 29.66 9.75
N GLU F 65 -38.09 29.21 10.12
CA GLU F 65 -39.32 29.96 9.88
C GLU F 65 -39.43 31.11 10.89
N LYS F 66 -38.86 30.91 12.07
CA LYS F 66 -38.88 31.94 13.10
C LYS F 66 -38.47 33.28 12.53
N GLN F 67 -37.40 33.28 11.75
CA GLN F 67 -36.91 34.49 11.10
C GLN F 67 -38.04 35.16 10.34
N LEU F 68 -38.98 34.36 9.86
CA LEU F 68 -40.15 34.88 9.13
C LEU F 68 -41.06 35.74 10.00
N LYS F 69 -41.12 35.44 11.29
CA LYS F 69 -41.94 36.21 12.27
C LYS F 69 -41.11 37.24 13.04
N GLU F 70 -40.05 36.76 13.71
CA GLU F 70 -39.19 37.61 14.55
C GLU F 70 -38.20 38.44 13.74
N ALA F 71 -37.60 37.84 12.71
CA ALA F 71 -36.68 38.55 11.79
C ALA F 71 -37.41 39.23 10.60
N GLN F 72 -38.73 39.12 10.53
CA GLN F 72 -39.55 39.95 9.65
C GLN F 72 -40.12 41.16 10.44
N GLY F 73 -40.41 40.92 11.72
CA GLY F 73 -40.73 42.00 12.67
C GLY F 73 -39.59 42.99 12.84
N LYS F 74 -38.35 42.50 12.69
CA LYS F 74 -37.16 43.35 12.66
C LYS F 74 -37.19 44.30 11.45
N ILE F 75 -37.59 43.75 10.29
CA ILE F 75 -37.88 44.57 9.12
C ILE F 75 -39.04 45.52 9.42
N ASP F 76 -40.06 45.02 10.11
CA ASP F 76 -41.21 45.82 10.55
C ASP F 76 -40.84 46.94 11.53
N VAL F 77 -39.81 46.72 12.35
CA VAL F 77 -39.38 47.68 13.37
C VAL F 77 -38.40 48.75 12.85
N LEU F 78 -37.61 48.41 11.84
CA LEU F 78 -36.57 49.32 11.31
C LEU F 78 -37.18 50.55 10.65
S SO4 G . -18.19 3.83 3.98
O1 SO4 G . -17.39 4.87 4.65
O2 SO4 G . -19.01 3.17 4.97
O3 SO4 G . -17.36 2.79 3.37
O4 SO4 G . -19.13 4.44 3.02
S SO4 H . 16.16 10.92 1.75
O1 SO4 H . 16.25 11.69 0.50
O2 SO4 H . 15.63 9.56 1.51
O3 SO4 H . 15.37 11.72 2.75
O4 SO4 H . 17.52 10.73 2.23
S SO4 I . 2.17 -6.17 -3.09
O1 SO4 I . 3.56 -6.26 -2.68
O2 SO4 I . 1.33 -6.13 -1.89
O3 SO4 I . 1.79 -7.35 -3.87
O4 SO4 I . 2.00 -5.00 -3.95
#